data_7V91
#
_entry.id   7V91
#
_cell.length_a   90.900
_cell.length_b   106.583
_cell.length_c   107.656
_cell.angle_alpha   90.000
_cell.angle_beta   90.000
_cell.angle_gamma   90.000
#
_symmetry.space_group_name_H-M   'P 21 21 21'
#
loop_
_entity.id
_entity.type
_entity.pdbx_description
1 polymer 'GH19 Chitinase'
2 non-polymer '4-(2-HYDROXYETHYL)-1-PIPERAZINE ETHANESULFONIC ACID'
3 non-polymer 'SULFATE ION'
4 non-polymer 'CHLORIDE ION'
5 non-polymer (4S)-2-METHYL-2,4-PENTANEDIOL
6 water water
#
_entity_poly.entity_id   1
_entity_poly.type   'polypeptide(L)'
_entity_poly.pdbx_seq_one_letter_code
;DISKLISRGTFDQMLKHRNDGACPAKGFYTYDAFIAAAKAFPGFGTTGDDATRKREIAAFLGQTSHETTGGWASAPDGPY
SWGYCFLREKNPSSSYCSPSPTYPCAAGKQYYGRGPIQLSWNYNYGQCGKAIGVDLLNNPDLVATDPVISFKTALWFWMT
PQSPKPSCHNVITGIWKPSAADQSAGRVAGYGATTNIINGGLECGQGWKAQVEDRIGFYKRYCDIFKVGYGNNLDCYNQR
PFGSG
;
_entity_poly.pdbx_strand_id   A,B,C,D
#
loop_
_chem_comp.id
_chem_comp.type
_chem_comp.name
_chem_comp.formula
CL non-polymer 'CHLORIDE ION' 'Cl -1'
EPE non-polymer '4-(2-HYDROXYETHYL)-1-PIPERAZINE ETHANESULFONIC ACID' 'C8 H18 N2 O4 S'
MPD non-polymer (4S)-2-METHYL-2,4-PENTANEDIOL 'C6 H14 O2'
SO4 non-polymer 'SULFATE ION' 'O4 S -2'
#
# COMPACT_ATOMS: atom_id res chain seq x y z
N ASP A 1 23.99 21.40 24.43
CA ASP A 1 23.49 21.49 23.03
C ASP A 1 23.23 20.06 22.51
N ILE A 2 22.75 19.95 21.26
CA ILE A 2 22.04 18.72 20.79
C ILE A 2 23.04 17.58 20.56
N SER A 3 24.34 17.88 20.38
CA SER A 3 25.40 16.85 20.18
C SER A 3 25.42 15.85 21.34
N LYS A 4 24.96 16.27 22.52
CA LYS A 4 24.84 15.39 23.71
C LYS A 4 23.66 14.43 23.54
N LEU A 5 22.57 14.94 22.96
CA LEU A 5 21.31 14.20 22.73
C LEU A 5 21.49 13.22 21.55
N ILE A 6 22.16 13.66 20.49
CA ILE A 6 22.37 12.80 19.28
C ILE A 6 23.86 12.74 18.98
N SER A 7 24.47 11.58 19.26
CA SER A 7 25.90 11.31 18.98
C SER A 7 26.12 11.12 17.47
N ARG A 8 27.39 11.19 17.07
CA ARG A 8 27.82 10.86 15.69
C ARG A 8 27.30 9.47 15.33
N GLY A 9 27.49 8.51 16.24
CA GLY A 9 27.12 7.11 16.02
C GLY A 9 25.62 6.96 15.82
N THR A 10 24.83 7.72 16.58
CA THR A 10 23.35 7.65 16.48
C THR A 10 22.93 8.24 15.14
N PHE A 11 23.46 9.41 14.79
CA PHE A 11 23.22 10.09 13.50
C PHE A 11 23.52 9.14 12.33
N ASP A 12 24.71 8.52 12.33
CA ASP A 12 25.13 7.64 11.21
C ASP A 12 24.28 6.37 11.17
N GLN A 13 23.84 5.87 12.33
CA GLN A 13 22.94 4.68 12.38
C GLN A 13 21.60 5.08 11.75
N MET A 14 21.07 6.24 12.13
CA MET A 14 19.79 6.71 11.55
C MET A 14 19.96 6.83 10.03
N LEU A 15 21.04 7.47 9.57
CA LEU A 15 21.26 7.74 8.14
C LEU A 15 22.31 6.77 7.58
N LYS A 16 22.08 5.47 7.75
CA LYS A 16 23.14 4.45 7.55
C LYS A 16 23.32 4.13 6.06
N HIS A 17 22.44 4.55 5.16
CA HIS A 17 22.59 4.26 3.71
C HIS A 17 22.87 5.51 2.88
N ARG A 18 22.94 6.70 3.49
CA ARG A 18 23.03 7.96 2.71
C ARG A 18 24.30 7.97 1.87
N ASN A 19 25.34 7.23 2.26
CA ASN A 19 26.64 7.28 1.55
C ASN A 19 26.78 6.11 0.57
N ASP A 20 25.72 5.33 0.36
CA ASP A 20 25.76 4.19 -0.58
C ASP A 20 25.94 4.69 -2.02
N GLY A 21 26.50 3.84 -2.85
CA GLY A 21 26.86 4.21 -4.23
C GLY A 21 25.71 4.83 -4.99
N ALA A 22 24.48 4.36 -4.79
CA ALA A 22 23.33 4.80 -5.62
C ALA A 22 22.77 6.13 -5.10
N CYS A 23 23.30 6.67 -4.00
CA CYS A 23 22.79 7.93 -3.40
C CYS A 23 23.58 9.10 -3.96
N PRO A 24 22.94 10.01 -4.73
CA PRO A 24 23.66 11.16 -5.29
C PRO A 24 24.31 12.07 -4.24
N ALA A 25 23.78 12.09 -3.01
CA ALA A 25 24.33 12.94 -1.91
C ALA A 25 25.52 12.27 -1.22
N LYS A 26 26.00 11.13 -1.71
CA LYS A 26 27.02 10.37 -0.96
C LYS A 26 28.21 11.26 -0.62
N GLY A 27 28.61 11.23 0.65
CA GLY A 27 29.78 11.95 1.18
C GLY A 27 29.49 13.38 1.59
N PHE A 28 28.33 13.93 1.24
CA PHE A 28 28.03 15.37 1.40
C PHE A 28 27.46 15.70 2.79
N TYR A 29 26.43 15.00 3.23
CA TYR A 29 25.76 15.33 4.51
C TYR A 29 26.58 14.80 5.68
N THR A 30 27.07 15.69 6.55
CA THR A 30 27.94 15.27 7.69
C THR A 30 27.26 15.57 9.02
N TYR A 31 27.61 14.76 10.01
CA TYR A 31 27.24 14.95 11.43
C TYR A 31 27.68 16.35 11.85
N ASP A 32 28.93 16.69 11.54
CA ASP A 32 29.53 17.98 11.98
C ASP A 32 28.71 19.16 11.43
N ALA A 33 28.22 19.06 10.20
CA ALA A 33 27.44 20.14 9.54
C ALA A 33 26.08 20.28 10.23
N PHE A 34 25.45 19.14 10.58
CA PHE A 34 24.15 19.12 11.27
C PHE A 34 24.29 19.84 12.61
N ILE A 35 25.29 19.45 13.41
CA ILE A 35 25.56 20.00 14.78
C ILE A 35 25.88 21.50 14.66
N ALA A 36 26.72 21.89 13.70
CA ALA A 36 27.07 23.31 13.45
C ALA A 36 25.80 24.10 13.10
N ALA A 37 25.01 23.64 12.12
CA ALA A 37 23.78 24.32 11.67
C ALA A 37 22.78 24.45 12.83
N ALA A 38 22.67 23.42 13.67
CA ALA A 38 21.70 23.41 14.79
C ALA A 38 22.02 24.56 15.76
N LYS A 39 23.28 24.99 15.83
CA LYS A 39 23.69 26.07 16.78
C LYS A 39 23.13 27.42 16.32
N ALA A 40 22.74 27.57 15.05
CA ALA A 40 22.24 28.84 14.48
C ALA A 40 20.74 28.99 14.75
N PHE A 41 20.11 27.97 15.33
CA PHE A 41 18.66 27.93 15.60
C PHE A 41 18.48 27.50 17.05
N PRO A 42 18.62 28.44 18.00
CA PRO A 42 18.47 28.10 19.40
C PRO A 42 16.98 27.80 19.62
N GLY A 43 16.74 26.82 20.48
CA GLY A 43 15.41 26.24 20.70
C GLY A 43 15.32 24.89 20.02
N PHE A 44 15.99 24.72 18.87
CA PHE A 44 15.90 23.42 18.13
C PHE A 44 16.58 22.32 18.94
N GLY A 45 15.83 21.28 19.34
CA GLY A 45 16.33 20.15 20.14
C GLY A 45 16.73 20.55 21.56
N THR A 46 16.30 21.73 22.01
CA THR A 46 16.56 22.27 23.37
C THR A 46 15.27 22.89 23.93
N THR A 47 14.12 22.55 23.36
CA THR A 47 12.79 23.06 23.79
C THR A 47 11.98 21.89 24.34
N GLY A 48 11.62 21.96 25.62
CA GLY A 48 10.74 20.99 26.28
C GLY A 48 11.53 19.97 27.08
N ASP A 49 10.83 18.93 27.55
CA ASP A 49 11.45 17.82 28.32
C ASP A 49 12.37 17.00 27.39
N ASP A 50 13.08 16.04 27.96
CA ASP A 50 14.12 15.23 27.27
C ASP A 50 13.50 14.49 26.08
N ALA A 51 12.39 13.78 26.32
CA ALA A 51 11.70 12.98 25.29
C ALA A 51 11.17 13.90 24.19
N THR A 52 10.77 15.14 24.50
CA THR A 52 10.23 16.11 23.50
C THR A 52 11.38 16.61 22.61
N ARG A 53 12.56 16.76 23.19
CA ARG A 53 13.76 17.25 22.46
C ARG A 53 14.19 16.17 21.46
N LYS A 54 14.20 14.92 21.91
CA LYS A 54 14.50 13.75 21.06
C LYS A 54 13.42 13.61 19.99
N ARG A 55 12.14 13.78 20.34
CA ARG A 55 11.07 13.73 19.31
C ARG A 55 11.26 14.85 18.29
N GLU A 56 11.70 16.03 18.72
CA GLU A 56 11.90 17.14 17.76
C GLU A 56 13.00 16.73 16.76
N ILE A 57 14.13 16.24 17.26
CA ILE A 57 15.27 15.85 16.39
C ILE A 57 14.77 14.70 15.50
N ALA A 58 14.05 13.72 16.04
CA ALA A 58 13.53 12.58 15.24
C ALA A 58 12.54 13.10 14.18
N ALA A 59 11.67 14.04 14.53
CA ALA A 59 10.67 14.59 13.60
C ALA A 59 11.38 15.35 12.48
N PHE A 60 12.38 16.16 12.81
CA PHE A 60 13.10 16.96 11.82
C PHE A 60 13.83 16.01 10.86
N LEU A 61 14.55 15.06 11.43
CA LEU A 61 15.30 14.08 10.60
C LEU A 61 14.31 13.21 9.83
N GLY A 62 13.12 12.93 10.38
CA GLY A 62 12.16 12.04 9.71
C GLY A 62 11.54 12.71 8.50
N GLN A 63 11.18 13.98 8.64
CA GLN A 63 10.52 14.73 7.54
C GLN A 63 11.56 14.97 6.44
N THR A 64 12.77 15.39 6.82
CA THR A 64 13.84 15.66 5.84
C THR A 64 14.28 14.33 5.22
N SER A 65 14.25 13.22 5.96
CA SER A 65 14.57 11.89 5.38
C SER A 65 13.58 11.55 4.28
N HIS A 66 12.28 11.79 4.49
CA HIS A 66 11.25 11.57 3.45
C HIS A 66 11.55 12.44 2.21
N GLU A 67 11.89 13.71 2.39
CA GLU A 67 12.09 14.65 1.27
C GLU A 67 13.26 14.19 0.41
N THR A 68 14.19 13.43 1.00
CA THR A 68 15.44 13.03 0.33
C THR A 68 15.59 11.50 0.24
N THR A 69 14.50 10.75 0.38
CA THR A 69 14.61 9.28 0.56
C THR A 69 15.05 8.58 -0.74
N GLY A 70 15.90 7.56 -0.59
CA GLY A 70 16.22 6.61 -1.65
C GLY A 70 15.62 5.25 -1.35
N GLY A 71 14.72 5.19 -0.38
CA GLY A 71 14.12 3.91 0.06
C GLY A 71 13.25 3.24 -0.99
N TRP A 72 13.19 1.90 -0.91
CA TRP A 72 12.18 1.08 -1.61
C TRP A 72 11.79 -0.04 -0.65
N ALA A 73 10.67 -0.69 -0.91
CA ALA A 73 10.07 -1.63 0.04
C ALA A 73 11.06 -2.74 0.41
N SER A 74 11.90 -3.18 -0.51
CA SER A 74 12.84 -4.31 -0.30
C SER A 74 14.24 -3.80 0.07
N ALA A 75 14.38 -2.52 0.40
CA ALA A 75 15.71 -1.92 0.69
C ALA A 75 16.36 -2.61 1.88
N PRO A 76 17.69 -2.81 1.83
CA PRO A 76 18.45 -3.24 3.00
C PRO A 76 18.15 -2.39 4.23
N ASP A 77 17.86 -3.03 5.37
CA ASP A 77 17.55 -2.38 6.68
C ASP A 77 16.21 -1.64 6.62
N GLY A 78 15.42 -1.90 5.57
CA GLY A 78 14.07 -1.33 5.42
C GLY A 78 14.11 0.05 4.77
N PRO A 79 12.97 0.51 4.21
CA PRO A 79 12.90 1.79 3.51
C PRO A 79 13.17 3.01 4.40
N TYR A 80 13.09 2.87 5.72
CA TYR A 80 13.21 4.01 6.67
C TYR A 80 14.67 4.11 7.17
N SER A 81 15.61 3.50 6.45
CA SER A 81 17.06 3.63 6.68
C SER A 81 17.71 4.35 5.51
N TRP A 82 16.93 4.87 4.56
CA TRP A 82 17.48 5.41 3.28
C TRP A 82 17.21 6.91 3.17
N GLY A 83 17.15 7.61 4.31
CA GLY A 83 17.05 9.07 4.29
C GLY A 83 18.34 9.71 3.80
N TYR A 84 18.25 10.95 3.34
CA TYR A 84 19.41 11.81 3.00
C TYR A 84 20.21 11.20 1.86
N CYS A 85 19.52 10.48 0.99
CA CYS A 85 20.13 9.86 -0.21
C CYS A 85 20.31 10.91 -1.31
N PHE A 86 19.38 11.86 -1.40
CA PHE A 86 19.33 12.86 -2.49
C PHE A 86 19.72 14.25 -1.98
N LEU A 87 20.23 15.06 -2.89
CA LEU A 87 20.68 16.44 -2.63
C LEU A 87 19.79 17.41 -3.42
N ARG A 88 19.53 17.09 -4.69
CA ARG A 88 18.80 17.98 -5.62
C ARG A 88 17.58 17.25 -6.17
N GLU A 89 16.50 17.98 -6.36
CA GLU A 89 15.23 17.47 -6.96
C GLU A 89 15.56 16.73 -8.27
N LYS A 90 15.02 15.53 -8.43
CA LYS A 90 15.23 14.73 -9.67
C LYS A 90 14.33 15.28 -10.76
N ASN A 91 14.85 15.55 -11.97
CA ASN A 91 13.95 15.76 -13.13
C ASN A 91 12.99 16.90 -12.83
N PRO A 92 13.45 18.10 -12.38
CA PRO A 92 12.51 19.17 -12.03
C PRO A 92 11.71 19.60 -13.28
N SER A 93 10.40 19.85 -13.15
CA SER A 93 9.47 20.21 -14.26
C SER A 93 9.41 21.72 -14.45
N SER A 94 9.97 22.49 -13.51
CA SER A 94 9.82 23.95 -13.41
C SER A 94 11.12 24.58 -12.92
N SER A 95 11.34 25.86 -13.22
CA SER A 95 12.45 26.67 -12.65
C SER A 95 12.08 27.15 -11.24
N TYR A 96 10.81 27.04 -10.85
CA TYR A 96 10.31 27.47 -9.51
C TYR A 96 10.61 28.96 -9.35
N CYS A 97 10.37 29.73 -10.42
CA CYS A 97 10.46 31.21 -10.40
C CYS A 97 9.04 31.80 -10.44
N SER A 98 8.63 32.45 -9.35
CA SER A 98 7.44 33.33 -9.28
C SER A 98 7.94 34.77 -9.26
N PRO A 99 7.92 35.49 -10.41
CA PRO A 99 8.43 36.87 -10.45
C PRO A 99 7.89 37.71 -9.29
N SER A 100 8.78 38.43 -8.62
CA SER A 100 8.50 39.16 -7.36
C SER A 100 9.35 40.43 -7.31
N PRO A 101 8.83 41.53 -6.73
CA PRO A 101 9.63 42.75 -6.54
C PRO A 101 10.67 42.52 -5.45
N THR A 102 10.29 41.79 -4.39
CA THR A 102 11.15 41.51 -3.21
C THR A 102 12.25 40.52 -3.59
N TYR A 103 11.94 39.49 -4.39
CA TYR A 103 12.82 38.32 -4.64
C TYR A 103 12.97 38.06 -6.14
N PRO A 104 13.58 39.00 -6.90
CA PRO A 104 13.73 38.81 -8.34
C PRO A 104 14.50 37.52 -8.64
N CYS A 105 14.01 36.74 -9.61
CA CYS A 105 14.66 35.49 -10.07
C CYS A 105 15.95 35.83 -10.78
N ALA A 106 17.03 35.11 -10.48
CA ALA A 106 18.38 35.36 -11.04
C ALA A 106 18.53 34.65 -12.38
N ALA A 107 19.20 35.31 -13.33
CA ALA A 107 19.46 34.84 -14.71
C ALA A 107 20.05 33.43 -14.72
N GLY A 108 19.37 32.50 -15.40
CA GLY A 108 19.83 31.12 -15.64
C GLY A 108 19.78 30.27 -14.37
N LYS A 109 19.18 30.78 -13.29
CA LYS A 109 19.10 30.06 -11.98
C LYS A 109 17.75 29.35 -11.86
N GLN A 110 17.78 28.22 -11.16
CA GLN A 110 16.59 27.35 -10.96
C GLN A 110 16.45 27.13 -9.45
N TYR A 111 15.22 27.22 -8.95
CA TYR A 111 14.93 27.14 -7.50
C TYR A 111 14.22 25.81 -7.21
N TYR A 112 14.63 24.76 -7.91
CA TYR A 112 14.20 23.37 -7.65
C TYR A 112 14.67 22.96 -6.25
N GLY A 113 14.15 21.82 -5.77
CA GLY A 113 14.41 21.38 -4.40
C GLY A 113 15.89 21.12 -4.16
N ARG A 114 16.40 21.62 -3.06
CA ARG A 114 17.78 21.32 -2.64
C ARG A 114 17.84 21.11 -1.14
N GLY A 115 18.73 20.20 -0.75
CA GLY A 115 19.06 19.95 0.66
C GLY A 115 17.95 19.20 1.38
N PRO A 116 18.07 19.08 2.72
CA PRO A 116 17.24 18.18 3.50
C PRO A 116 15.73 18.47 3.40
N ILE A 117 15.31 19.73 3.28
CA ILE A 117 13.84 20.03 3.19
C ILE A 117 13.43 20.23 1.72
N GLN A 118 14.36 20.07 0.77
CA GLN A 118 14.08 20.29 -0.67
C GLN A 118 13.46 21.68 -0.81
N LEU A 119 14.14 22.67 -0.22
CA LEU A 119 13.81 24.13 -0.32
C LEU A 119 13.53 24.43 -1.80
N SER A 120 12.40 25.05 -2.12
CA SER A 120 11.98 25.37 -3.50
C SER A 120 11.43 26.80 -3.54
N TRP A 121 11.55 27.42 -4.70
CA TRP A 121 10.96 28.73 -5.12
C TRP A 121 11.88 29.89 -4.76
N ASN A 122 12.01 30.84 -5.69
CA ASN A 122 12.85 32.05 -5.49
C ASN A 122 12.47 32.69 -4.15
N TYR A 123 11.18 32.78 -3.82
CA TYR A 123 10.73 33.53 -2.61
C TYR A 123 11.21 32.82 -1.33
N ASN A 124 11.35 31.49 -1.33
CA ASN A 124 11.84 30.75 -0.14
C ASN A 124 13.36 30.83 -0.07
N TYR A 125 14.07 30.73 -1.19
CA TYR A 125 15.54 30.93 -1.24
C TYR A 125 15.85 32.36 -0.76
N GLY A 126 15.04 33.31 -1.18
CA GLY A 126 15.20 34.72 -0.77
C GLY A 126 15.01 34.90 0.72
N GLN A 127 13.86 34.49 1.26
CA GLN A 127 13.55 34.71 2.70
C GLN A 127 14.53 33.90 3.55
N CYS A 128 14.82 32.65 3.18
CA CYS A 128 15.76 31.81 3.96
C CYS A 128 17.15 32.47 3.96
N GLY A 129 17.63 32.85 2.77
CA GLY A 129 18.96 33.48 2.60
C GLY A 129 19.11 34.69 3.50
N LYS A 130 18.08 35.53 3.53
CA LYS A 130 18.06 36.77 4.37
C LYS A 130 18.27 36.38 5.83
N ALA A 131 17.58 35.33 6.29
CA ALA A 131 17.60 34.89 7.69
C ALA A 131 18.96 34.33 8.10
N ILE A 132 19.69 33.63 7.21
CA ILE A 132 20.96 32.95 7.58
C ILE A 132 22.16 33.74 7.03
N GLY A 133 21.94 34.91 6.43
CA GLY A 133 23.02 35.80 5.95
C GLY A 133 23.77 35.22 4.76
N VAL A 134 23.04 34.61 3.83
CA VAL A 134 23.58 34.01 2.57
C VAL A 134 22.70 34.47 1.42
N ASP A 135 23.33 34.88 0.31
CA ASP A 135 22.57 35.30 -0.89
C ASP A 135 22.16 34.05 -1.68
N LEU A 136 21.12 33.37 -1.21
CA LEU A 136 20.64 32.12 -1.86
C LEU A 136 19.79 32.47 -3.07
N LEU A 137 19.20 33.66 -3.13
CA LEU A 137 18.44 34.11 -4.31
C LEU A 137 19.36 34.11 -5.54
N ASN A 138 20.59 34.60 -5.41
CA ASN A 138 21.53 34.71 -6.56
C ASN A 138 22.46 33.50 -6.62
N ASN A 139 22.59 32.72 -5.55
CA ASN A 139 23.48 31.52 -5.51
C ASN A 139 22.71 30.35 -4.92
N PRO A 140 21.58 29.93 -5.53
CA PRO A 140 20.72 28.89 -4.94
C PRO A 140 21.43 27.54 -4.71
N ASP A 141 22.36 27.20 -5.59
CA ASP A 141 23.03 25.88 -5.52
C ASP A 141 23.93 25.79 -4.29
N LEU A 142 24.15 26.87 -3.52
CA LEU A 142 24.90 26.79 -2.24
C LEU A 142 24.21 25.81 -1.29
N VAL A 143 22.90 25.67 -1.45
CA VAL A 143 22.10 24.75 -0.59
C VAL A 143 22.57 23.31 -0.89
N ALA A 144 23.15 23.07 -2.07
CA ALA A 144 23.60 21.71 -2.47
C ALA A 144 25.13 21.58 -2.46
N THR A 145 25.92 22.64 -2.19
CA THR A 145 27.40 22.59 -2.24
C THR A 145 28.05 22.85 -0.88
N ASP A 146 27.36 23.49 0.07
CA ASP A 146 27.87 23.66 1.45
C ASP A 146 26.97 22.94 2.44
N PRO A 147 27.48 21.93 3.18
CA PRO A 147 26.64 21.11 4.05
C PRO A 147 26.02 21.91 5.21
N VAL A 148 26.74 22.87 5.76
CA VAL A 148 26.19 23.70 6.87
C VAL A 148 25.04 24.53 6.34
N ILE A 149 25.21 25.26 5.23
CA ILE A 149 24.09 26.03 4.59
C ILE A 149 22.93 25.07 4.29
N SER A 150 23.24 23.88 3.77
CA SER A 150 22.22 22.85 3.43
C SER A 150 21.35 22.58 4.66
N PHE A 151 21.95 22.18 5.77
CA PHE A 151 21.21 21.92 7.03
C PHE A 151 20.49 23.19 7.51
N LYS A 152 21.14 24.36 7.41
CA LYS A 152 20.51 25.60 7.89
C LYS A 152 19.22 25.91 7.14
N THR A 153 19.11 25.62 5.84
CA THR A 153 17.88 25.89 5.05
C THR A 153 16.73 25.05 5.63
N ALA A 154 17.03 23.80 5.99
CA ALA A 154 16.02 22.84 6.51
C ALA A 154 15.60 23.31 7.91
N LEU A 155 16.57 23.66 8.76
CA LEU A 155 16.27 24.14 10.14
C LEU A 155 15.54 25.48 10.07
N TRP A 156 15.93 26.38 9.16
CA TRP A 156 15.16 27.63 8.91
C TRP A 156 13.70 27.26 8.63
N PHE A 157 13.45 26.34 7.71
CA PHE A 157 12.07 25.92 7.36
C PHE A 157 11.35 25.42 8.62
N TRP A 158 12.03 24.60 9.40
CA TRP A 158 11.47 23.88 10.58
C TRP A 158 11.03 24.91 11.63
N MET A 159 11.79 26.00 11.76
CA MET A 159 11.68 26.96 12.89
C MET A 159 10.79 28.14 12.52
N THR A 160 10.45 28.33 11.24
CA THR A 160 9.83 29.59 10.75
C THR A 160 8.34 29.39 10.56
N PRO A 161 7.48 30.09 11.34
CA PRO A 161 6.05 30.13 11.04
C PRO A 161 5.75 30.85 9.71
N GLN A 162 4.71 30.41 9.01
CA GLN A 162 4.21 31.04 7.76
C GLN A 162 2.67 31.08 7.85
N SER A 163 2.14 31.93 8.73
CA SER A 163 0.69 32.07 9.05
C SER A 163 -0.15 31.85 7.79
N PRO A 164 -1.20 31.01 7.81
CA PRO A 164 -1.73 30.39 9.04
C PRO A 164 -0.97 29.15 9.57
N LYS A 165 0.13 28.75 8.92
CA LYS A 165 0.91 27.58 9.38
C LYS A 165 1.76 27.98 10.59
N PRO A 166 1.66 27.25 11.71
CA PRO A 166 2.63 27.37 12.80
C PRO A 166 3.97 26.80 12.30
N SER A 167 5.05 27.00 13.04
CA SER A 167 6.35 26.34 12.77
C SER A 167 6.19 24.86 13.13
N CYS A 168 6.85 23.97 12.38
CA CYS A 168 6.98 22.56 12.80
C CYS A 168 7.53 22.49 14.23
N HIS A 169 8.48 23.35 14.57
CA HIS A 169 9.07 23.44 15.91
C HIS A 169 7.99 23.62 16.99
N ASN A 170 7.09 24.59 16.79
CA ASN A 170 6.08 24.89 17.85
C ASN A 170 5.10 23.71 17.93
N VAL A 171 4.79 23.04 16.82
CA VAL A 171 3.86 21.88 16.80
C VAL A 171 4.47 20.74 17.62
N ILE A 172 5.72 20.35 17.31
CA ILE A 172 6.32 19.11 17.88
C ILE A 172 6.70 19.33 19.35
N THR A 173 6.87 20.59 19.79
CA THR A 173 7.23 20.91 21.20
C THR A 173 5.97 21.18 22.03
N GLY A 174 4.80 21.26 21.39
CA GLY A 174 3.51 21.48 22.06
C GLY A 174 3.27 22.94 22.40
N ILE A 175 4.17 23.84 21.96
CA ILE A 175 3.99 25.31 22.13
C ILE A 175 2.74 25.73 21.36
N TRP A 176 2.51 25.16 20.17
CA TRP A 176 1.30 25.44 19.34
C TRP A 176 0.08 24.81 20.02
N LYS A 177 -0.94 25.64 20.25
CA LYS A 177 -2.27 25.26 20.78
C LYS A 177 -3.25 25.42 19.63
N PRO A 178 -3.84 24.31 19.14
CA PRO A 178 -4.85 24.36 18.09
C PRO A 178 -5.98 25.31 18.48
N SER A 179 -6.44 26.12 17.53
CA SER A 179 -7.60 27.03 17.70
C SER A 179 -8.88 26.19 17.65
N ALA A 180 -10.03 26.80 17.94
CA ALA A 180 -11.35 26.13 17.81
C ALA A 180 -11.48 25.58 16.39
N ALA A 181 -11.14 26.40 15.39
CA ALA A 181 -11.22 26.06 13.96
C ALA A 181 -10.33 24.84 13.65
N ASP A 182 -9.07 24.86 14.13
CA ASP A 182 -8.11 23.74 13.95
C ASP A 182 -8.74 22.44 14.48
N GLN A 183 -9.34 22.49 15.67
CA GLN A 183 -9.90 21.32 16.40
C GLN A 183 -11.01 20.66 15.57
N SER A 184 -11.96 21.43 15.03
CA SER A 184 -13.08 20.91 14.19
C SER A 184 -12.56 20.45 12.82
N ALA A 185 -11.39 20.96 12.39
CA ALA A 185 -10.71 20.58 11.14
C ALA A 185 -9.82 19.35 11.37
N GLY A 186 -9.75 18.89 12.61
CA GLY A 186 -8.99 17.68 13.00
C GLY A 186 -7.50 17.98 13.12
N ARG A 187 -7.12 19.26 13.07
CA ARG A 187 -5.70 19.67 13.20
C ARG A 187 -5.34 19.69 14.69
N VAL A 188 -4.57 18.69 15.13
CA VAL A 188 -4.20 18.46 16.54
C VAL A 188 -2.68 18.28 16.62
N ALA A 189 -2.12 18.53 17.79
CA ALA A 189 -0.67 18.59 18.05
C ALA A 189 -0.08 17.19 17.92
N GLY A 190 1.03 17.08 17.20
CA GLY A 190 1.79 15.83 17.04
C GLY A 190 2.47 15.85 15.69
N TYR A 191 3.07 14.73 15.31
CA TYR A 191 3.84 14.62 14.05
C TYR A 191 2.95 14.92 12.83
N GLY A 192 1.70 14.44 12.80
CA GLY A 192 0.77 14.64 11.67
C GLY A 192 0.68 16.09 11.26
N ALA A 193 0.61 16.99 12.23
CA ALA A 193 0.46 18.44 11.98
C ALA A 193 1.76 18.99 11.35
N THR A 194 2.92 18.37 11.56
CA THR A 194 4.17 18.79 10.87
C THR A 194 4.07 18.40 9.39
N THR A 195 3.54 17.24 9.09
CA THR A 195 3.27 16.85 7.67
C THR A 195 2.34 17.87 7.04
N ASN A 196 1.34 18.34 7.79
CA ASN A 196 0.30 19.27 7.28
C ASN A 196 0.99 20.60 6.93
N ILE A 197 1.86 21.06 7.81
CA ILE A 197 2.66 22.31 7.59
C ILE A 197 3.49 22.12 6.31
N ILE A 198 4.20 20.99 6.22
CA ILE A 198 5.21 20.76 5.15
C ILE A 198 4.56 20.59 3.78
N ASN A 199 3.45 19.86 3.66
CA ASN A 199 2.84 19.56 2.34
C ASN A 199 1.37 19.14 2.47
N GLY A 200 0.63 19.73 3.41
CA GLY A 200 -0.75 19.32 3.74
C GLY A 200 -1.69 19.44 2.55
N GLY A 201 -1.53 20.48 1.73
CA GLY A 201 -2.41 20.65 0.54
C GLY A 201 -2.46 19.41 -0.33
N LEU A 202 -1.33 18.72 -0.52
CA LEU A 202 -1.22 17.56 -1.43
C LEU A 202 -1.34 16.25 -0.66
N GLU A 203 -1.11 16.25 0.65
CA GLU A 203 -0.93 14.97 1.40
C GLU A 203 -2.01 14.73 2.46
N CYS A 204 -2.67 15.76 2.98
CA CYS A 204 -3.49 15.64 4.21
C CYS A 204 -4.99 15.77 3.94
N GLY A 205 -5.81 15.15 4.79
CA GLY A 205 -7.28 15.24 4.76
C GLY A 205 -7.90 14.50 3.59
N GLN A 206 -7.17 13.56 2.98
CA GLN A 206 -7.61 12.87 1.74
C GLN A 206 -7.58 11.36 1.95
N GLY A 207 -7.53 10.91 3.21
CA GLY A 207 -7.38 9.49 3.56
C GLY A 207 -5.96 9.03 3.35
N TRP A 208 -5.75 7.73 3.26
CA TRP A 208 -4.38 7.16 3.25
C TRP A 208 -3.58 7.75 2.07
N LYS A 209 -2.32 8.11 2.34
CA LYS A 209 -1.35 8.53 1.31
C LYS A 209 -0.01 7.87 1.63
N ALA A 210 0.60 7.22 0.63
CA ALA A 210 1.90 6.55 0.78
C ALA A 210 2.94 7.53 1.32
N GLN A 211 2.95 8.76 0.83
CA GLN A 211 4.00 9.73 1.26
C GLN A 211 3.88 10.02 2.76
N VAL A 212 2.66 10.07 3.30
CA VAL A 212 2.46 10.29 4.76
C VAL A 212 2.99 9.07 5.55
N GLU A 213 2.68 7.87 5.08
CA GLU A 213 3.14 6.64 5.75
C GLU A 213 4.68 6.64 5.76
N ASP A 214 5.31 7.07 4.68
CA ASP A 214 6.80 7.12 4.60
C ASP A 214 7.34 8.12 5.64
N ARG A 215 6.74 9.30 5.75
CA ARG A 215 7.20 10.32 6.74
C ARG A 215 7.13 9.71 8.14
N ILE A 216 6.03 9.01 8.43
CA ILE A 216 5.84 8.37 9.75
C ILE A 216 6.85 7.25 9.97
N GLY A 217 7.15 6.45 8.94
CA GLY A 217 8.09 5.32 9.08
C GLY A 217 9.46 5.80 9.53
N PHE A 218 9.94 6.91 8.96
CA PHE A 218 11.25 7.48 9.35
C PHE A 218 11.16 7.97 10.80
N TYR A 219 10.13 8.74 11.11
CA TYR A 219 9.95 9.34 12.46
C TYR A 219 9.99 8.23 13.51
N LYS A 220 9.23 7.16 13.28
CA LYS A 220 9.11 6.05 14.26
C LYS A 220 10.46 5.33 14.42
N ARG A 221 11.16 5.06 13.32
CA ARG A 221 12.49 4.40 13.43
C ARG A 221 13.44 5.28 14.24
N TYR A 222 13.44 6.59 14.01
CA TYR A 222 14.35 7.52 14.72
C TYR A 222 13.97 7.58 16.21
N CYS A 223 12.69 7.61 16.52
CA CYS A 223 12.19 7.55 17.92
C CYS A 223 12.63 6.22 18.54
N ASP A 224 12.52 5.11 17.80
CA ASP A 224 12.97 3.78 18.30
C ASP A 224 14.45 3.84 18.68
N ILE A 225 15.28 4.44 17.82
CA ILE A 225 16.75 4.50 18.07
C ILE A 225 17.03 5.39 19.29
N PHE A 226 16.29 6.50 19.43
CA PHE A 226 16.33 7.38 20.62
C PHE A 226 15.69 6.74 21.86
N LYS A 227 14.99 5.60 21.72
CA LYS A 227 14.26 4.93 22.82
C LYS A 227 13.29 5.93 23.46
N VAL A 228 12.54 6.66 22.63
CA VAL A 228 11.44 7.56 23.07
C VAL A 228 10.14 7.18 22.38
N GLY A 229 9.01 7.44 23.03
CA GLY A 229 7.69 7.27 22.42
C GLY A 229 7.46 8.28 21.31
N TYR A 230 6.45 8.02 20.49
CA TYR A 230 6.18 8.79 19.26
C TYR A 230 5.34 10.02 19.57
N GLY A 231 4.67 10.05 20.72
CA GLY A 231 3.58 11.00 20.95
C GLY A 231 2.33 10.58 20.19
N ASN A 232 1.36 11.49 20.10
CA ASN A 232 0.01 11.19 19.58
C ASN A 232 -0.13 11.77 18.18
N ASN A 233 -1.16 11.35 17.44
CA ASN A 233 -1.65 12.03 16.21
C ASN A 233 -0.52 12.05 15.18
N LEU A 234 -0.04 10.88 14.77
CA LEU A 234 1.13 10.75 13.87
C LEU A 234 0.74 11.02 12.42
N ASP A 235 -0.51 10.82 12.02
CA ASP A 235 -0.93 10.97 10.60
C ASP A 235 -1.81 12.21 10.44
N CYS A 236 -1.96 12.66 9.20
CA CYS A 236 -2.84 13.80 8.85
C CYS A 236 -3.92 13.35 7.87
N TYR A 237 -4.21 12.04 7.81
CA TYR A 237 -5.21 11.47 6.86
C TYR A 237 -6.57 12.16 7.04
N ASN A 238 -6.90 12.62 8.25
CA ASN A 238 -8.22 13.21 8.58
C ASN A 238 -8.03 14.65 9.08
N GLN A 239 -6.92 15.30 8.74
CA GLN A 239 -6.71 16.75 9.00
C GLN A 239 -7.02 17.57 7.74
N ARG A 240 -7.84 18.60 7.83
CA ARG A 240 -7.95 19.59 6.73
C ARG A 240 -6.62 20.32 6.62
N PRO A 241 -6.07 20.53 5.40
CA PRO A 241 -4.85 21.31 5.23
C PRO A 241 -4.95 22.67 5.95
N PHE A 242 -3.85 23.12 6.56
CA PHE A 242 -3.66 24.53 6.99
C PHE A 242 -3.75 25.41 5.74
N GLY A 243 -4.26 26.63 5.86
CA GLY A 243 -4.18 27.64 4.80
C GLY A 243 -2.81 27.68 4.13
N ASP B 1 14.15 -36.73 -3.92
CA ASP B 1 13.54 -36.07 -2.73
C ASP B 1 13.51 -34.56 -2.96
N ILE B 2 12.40 -33.89 -2.63
CA ILE B 2 12.18 -32.47 -3.05
C ILE B 2 13.19 -31.55 -2.35
N SER B 3 13.89 -32.01 -1.31
CA SER B 3 14.87 -31.19 -0.56
C SER B 3 16.02 -30.75 -1.47
N LYS B 4 16.28 -31.49 -2.56
CA LYS B 4 17.37 -31.17 -3.52
C LYS B 4 16.84 -30.26 -4.63
N LEU B 5 15.54 -29.98 -4.63
CA LEU B 5 14.86 -29.03 -5.55
C LEU B 5 14.63 -27.70 -4.83
N ILE B 6 14.23 -27.76 -3.56
CA ILE B 6 14.02 -26.55 -2.70
C ILE B 6 14.84 -26.72 -1.42
N SER B 7 15.96 -26.02 -1.35
CA SER B 7 16.89 -25.96 -0.19
C SER B 7 16.23 -25.23 0.98
N ARG B 8 16.77 -25.41 2.18
CA ARG B 8 16.37 -24.64 3.38
C ARG B 8 16.46 -23.14 3.04
N GLY B 9 17.59 -22.72 2.45
CA GLY B 9 17.85 -21.31 2.10
C GLY B 9 16.78 -20.76 1.18
N THR B 10 16.39 -21.54 0.18
CA THR B 10 15.33 -21.13 -0.78
C THR B 10 14.00 -20.99 -0.05
N PHE B 11 13.61 -22.01 0.73
CA PHE B 11 12.33 -22.04 1.49
C PHE B 11 12.28 -20.79 2.39
N ASP B 12 13.39 -20.50 3.10
CA ASP B 12 13.46 -19.35 4.04
C ASP B 12 13.43 -18.01 3.29
N GLN B 13 14.01 -17.93 2.10
CA GLN B 13 13.97 -16.70 1.27
C GLN B 13 12.53 -16.49 0.80
N MET B 14 11.86 -17.56 0.35
CA MET B 14 10.46 -17.45 -0.10
C MET B 14 9.57 -17.01 1.08
N LEU B 15 9.71 -17.67 2.23
CA LEU B 15 8.83 -17.43 3.40
C LEU B 15 9.59 -16.59 4.43
N LYS B 16 10.09 -15.44 4.02
CA LYS B 16 11.13 -14.69 4.79
C LYS B 16 10.53 -13.88 5.93
N HIS B 17 9.22 -13.70 6.02
CA HIS B 17 8.61 -12.93 7.12
C HIS B 17 7.75 -13.79 8.05
N ARG B 18 7.65 -15.11 7.82
CA ARG B 18 6.77 -15.96 8.66
C ARG B 18 7.20 -15.92 10.13
N ASN B 19 8.47 -15.61 10.43
CA ASN B 19 8.99 -15.61 11.83
C ASN B 19 9.01 -14.18 12.41
N ASP B 20 8.36 -13.22 11.76
CA ASP B 20 8.15 -11.85 12.28
C ASP B 20 7.35 -11.92 13.59
N GLY B 21 7.66 -11.03 14.53
CA GLY B 21 6.96 -10.91 15.81
C GLY B 21 5.45 -10.79 15.64
N ALA B 22 5.00 -10.13 14.57
CA ALA B 22 3.57 -9.85 14.32
C ALA B 22 2.87 -11.07 13.71
N CYS B 23 3.59 -12.12 13.31
CA CYS B 23 3.00 -13.33 12.69
C CYS B 23 2.68 -14.36 13.76
N PRO B 24 1.40 -14.71 13.98
CA PRO B 24 1.04 -15.73 14.96
C PRO B 24 1.69 -17.10 14.70
N ALA B 25 2.06 -17.39 13.46
CA ALA B 25 2.73 -18.66 13.05
C ALA B 25 4.24 -18.62 13.32
N LYS B 26 4.78 -17.57 13.94
CA LYS B 26 6.24 -17.45 14.21
C LYS B 26 6.78 -18.76 14.81
N GLY B 27 7.79 -19.34 14.15
CA GLY B 27 8.52 -20.54 14.61
C GLY B 27 7.82 -21.85 14.29
N PHE B 28 6.56 -21.82 13.82
CA PHE B 28 5.71 -23.02 13.66
C PHE B 28 5.99 -23.75 12.33
N TYR B 29 5.96 -23.05 11.21
CA TYR B 29 6.07 -23.68 9.88
C TYR B 29 7.54 -23.89 9.51
N THR B 30 8.13 -25.03 9.87
CA THR B 30 9.59 -25.27 9.64
C THR B 30 9.84 -25.97 8.30
N TYR B 31 11.00 -25.71 7.71
CA TYR B 31 11.50 -26.41 6.51
C TYR B 31 11.44 -27.92 6.77
N ASP B 32 11.93 -28.34 7.94
CA ASP B 32 11.98 -29.77 8.31
C ASP B 32 10.59 -30.41 8.24
N ALA B 33 9.55 -29.73 8.72
CA ALA B 33 8.18 -30.26 8.75
C ALA B 33 7.66 -30.35 7.30
N PHE B 34 7.99 -29.37 6.46
CA PHE B 34 7.57 -29.35 5.04
C PHE B 34 8.16 -30.58 4.34
N ILE B 35 9.46 -30.80 4.49
CA ILE B 35 10.23 -31.89 3.82
C ILE B 35 9.69 -33.24 4.30
N ALA B 36 9.47 -33.41 5.61
CA ALA B 36 8.95 -34.66 6.21
C ALA B 36 7.55 -34.94 5.64
N ALA B 37 6.65 -33.95 5.66
CA ALA B 37 5.26 -34.07 5.17
C ALA B 37 5.28 -34.49 3.70
N ALA B 38 6.14 -33.86 2.89
CA ALA B 38 6.22 -34.14 1.44
C ALA B 38 6.51 -35.63 1.20
N LYS B 39 7.22 -36.29 2.11
CA LYS B 39 7.59 -37.72 1.98
C LYS B 39 6.34 -38.62 2.01
N ALA B 40 5.24 -38.17 2.62
CA ALA B 40 3.99 -38.95 2.73
C ALA B 40 3.14 -38.77 1.46
N PHE B 41 3.61 -37.98 0.48
CA PHE B 41 2.83 -37.67 -0.74
C PHE B 41 3.67 -37.97 -1.98
N PRO B 42 3.85 -39.26 -2.30
CA PRO B 42 4.63 -39.64 -3.48
C PRO B 42 4.06 -38.89 -4.69
N GLY B 43 4.96 -38.29 -5.50
CA GLY B 43 4.55 -37.56 -6.70
C GLY B 43 4.57 -36.06 -6.49
N PHE B 44 4.41 -35.57 -5.27
CA PHE B 44 4.43 -34.10 -5.00
C PHE B 44 5.86 -33.58 -5.23
N GLY B 45 6.02 -32.69 -6.22
CA GLY B 45 7.33 -32.11 -6.59
C GLY B 45 8.28 -33.13 -7.20
N THR B 46 7.75 -34.29 -7.60
CA THR B 46 8.56 -35.35 -8.29
C THR B 46 7.85 -35.82 -9.56
N THR B 47 6.89 -35.04 -10.08
CA THR B 47 6.09 -35.36 -11.28
C THR B 47 6.42 -34.35 -12.39
N GLY B 48 6.97 -34.86 -13.49
CA GLY B 48 7.23 -34.10 -14.73
C GLY B 48 8.70 -33.71 -14.84
N ASP B 49 9.00 -32.77 -15.75
CA ASP B 49 10.37 -32.23 -15.89
C ASP B 49 10.67 -31.34 -14.68
N ASP B 50 11.91 -30.89 -14.57
CA ASP B 50 12.42 -30.04 -13.47
C ASP B 50 11.57 -28.77 -13.34
N ALA B 51 11.26 -28.10 -14.44
CA ALA B 51 10.51 -26.82 -14.43
C ALA B 51 9.10 -27.07 -13.88
N THR B 52 8.47 -28.19 -14.24
CA THR B 52 7.10 -28.55 -13.81
C THR B 52 7.12 -28.85 -12.30
N ARG B 53 8.14 -29.55 -11.84
CA ARG B 53 8.32 -29.89 -10.41
C ARG B 53 8.45 -28.60 -9.62
N LYS B 54 9.28 -27.66 -10.10
CA LYS B 54 9.43 -26.35 -9.42
C LYS B 54 8.12 -25.57 -9.48
N ARG B 55 7.42 -25.56 -10.62
CA ARG B 55 6.10 -24.88 -10.71
C ARG B 55 5.15 -25.54 -9.70
N GLU B 56 5.20 -26.86 -9.53
CA GLU B 56 4.28 -27.49 -8.55
C GLU B 56 4.59 -26.95 -7.16
N ILE B 57 5.86 -26.94 -6.77
CA ILE B 57 6.25 -26.46 -5.41
C ILE B 57 5.91 -24.96 -5.28
N ALA B 58 6.17 -24.16 -6.32
CA ALA B 58 5.82 -22.72 -6.32
C ALA B 58 4.31 -22.52 -6.22
N ALA B 59 3.52 -23.33 -6.93
CA ALA B 59 2.04 -23.23 -6.96
C ALA B 59 1.51 -23.62 -5.58
N PHE B 60 2.00 -24.71 -5.02
CA PHE B 60 1.60 -25.17 -3.67
C PHE B 60 1.93 -24.07 -2.66
N LEU B 61 3.17 -23.60 -2.65
CA LEU B 61 3.60 -22.57 -1.67
C LEU B 61 2.89 -21.25 -2.00
N GLY B 62 2.57 -21.00 -3.27
CA GLY B 62 1.87 -19.75 -3.62
C GLY B 62 0.44 -19.73 -3.08
N GLN B 63 -0.31 -20.81 -3.30
CA GLN B 63 -1.72 -20.87 -2.87
C GLN B 63 -1.80 -20.85 -1.34
N THR B 64 -0.97 -21.66 -0.68
CA THR B 64 -0.96 -21.74 0.80
C THR B 64 -0.44 -20.41 1.39
N SER B 65 0.50 -19.73 0.73
CA SER B 65 0.93 -18.37 1.14
C SER B 65 -0.28 -17.44 1.13
N HIS B 66 -1.08 -17.46 0.08
CA HIS B 66 -2.29 -16.60 0.04
C HIS B 66 -3.22 -16.95 1.21
N GLU B 67 -3.44 -18.22 1.51
CA GLU B 67 -4.41 -18.63 2.56
C GLU B 67 -3.97 -18.11 3.93
N THR B 68 -2.65 -17.92 4.09
CA THR B 68 -2.04 -17.58 5.39
C THR B 68 -1.34 -16.23 5.36
N THR B 69 -1.60 -15.37 4.39
CA THR B 69 -0.74 -14.16 4.15
C THR B 69 -0.93 -13.14 5.27
N GLY B 70 0.18 -12.51 5.69
CA GLY B 70 0.19 -11.31 6.52
C GLY B 70 0.50 -10.06 5.69
N GLY B 71 0.52 -10.20 4.37
CA GLY B 71 0.95 -9.11 3.46
C GLY B 71 -0.02 -7.95 3.40
N TRP B 72 0.51 -6.79 3.05
CA TRP B 72 -0.25 -5.59 2.65
C TRP B 72 0.59 -4.86 1.60
N ALA B 73 -0.01 -3.99 0.80
CA ALA B 73 0.64 -3.49 -0.44
C ALA B 73 1.95 -2.77 -0.11
N SER B 74 1.96 -1.99 0.99
CA SER B 74 3.14 -1.18 1.39
C SER B 74 4.09 -1.97 2.32
N ALA B 75 3.92 -3.28 2.46
CA ALA B 75 4.73 -4.10 3.39
C ALA B 75 6.20 -4.10 2.97
N PRO B 76 7.14 -4.16 3.93
CA PRO B 76 8.54 -4.42 3.59
C PRO B 76 8.68 -5.70 2.77
N ASP B 77 9.49 -5.63 1.71
CA ASP B 77 9.80 -6.74 0.77
C ASP B 77 8.56 -7.09 -0.08
N GLY B 78 7.51 -6.29 0.03
CA GLY B 78 6.29 -6.42 -0.78
C GLY B 78 5.37 -7.48 -0.23
N PRO B 79 4.08 -7.45 -0.63
CA PRO B 79 3.06 -8.33 -0.08
C PRO B 79 3.34 -9.82 -0.33
N TYR B 80 4.16 -10.15 -1.34
CA TYR B 80 4.39 -11.55 -1.78
C TYR B 80 5.60 -12.15 -1.04
N SER B 81 5.99 -11.56 0.09
CA SER B 81 7.04 -12.09 1.00
CA SER B 81 7.04 -12.09 1.00
C SER B 81 6.44 -12.41 2.37
N TRP B 82 5.11 -12.30 2.54
CA TRP B 82 4.43 -12.42 3.85
C TRP B 82 3.54 -13.67 3.94
N GLY B 83 3.89 -14.70 3.18
CA GLY B 83 3.22 -16.02 3.25
C GLY B 83 3.44 -16.68 4.61
N TYR B 84 2.52 -17.54 5.03
CA TYR B 84 2.72 -18.44 6.21
C TYR B 84 2.84 -17.62 7.50
N CYS B 85 2.16 -16.49 7.57
CA CYS B 85 2.14 -15.62 8.77
C CYS B 85 1.11 -16.15 9.78
N PHE B 86 0.02 -16.78 9.30
CA PHE B 86 -1.11 -17.18 10.19
C PHE B 86 -1.24 -18.69 10.29
N LEU B 87 -1.81 -19.11 11.41
CA LEU B 87 -2.11 -20.51 11.80
C LEU B 87 -3.59 -20.80 11.63
N ARG B 88 -4.42 -19.93 12.20
CA ARG B 88 -5.88 -20.17 12.40
C ARG B 88 -6.68 -19.05 11.74
N GLU B 89 -7.81 -19.39 11.16
CA GLU B 89 -8.75 -18.43 10.55
C GLU B 89 -9.01 -17.31 11.56
N LYS B 90 -9.03 -16.07 11.06
CA LYS B 90 -9.35 -14.90 11.89
C LYS B 90 -10.87 -14.72 11.92
N ASN B 91 -11.43 -14.59 13.12
CA ASN B 91 -12.81 -14.09 13.32
C ASN B 91 -13.77 -15.04 12.60
N PRO B 92 -13.64 -16.37 12.78
CA PRO B 92 -14.58 -17.30 12.15
C PRO B 92 -16.00 -16.97 12.65
N SER B 93 -16.97 -16.88 11.75
CA SER B 93 -18.40 -16.62 12.11
C SER B 93 -19.20 -17.93 12.08
N SER B 94 -18.54 -19.07 11.90
CA SER B 94 -19.17 -20.41 11.84
C SER B 94 -18.30 -21.45 12.57
N SER B 95 -18.92 -22.54 13.02
CA SER B 95 -18.21 -23.73 13.56
C SER B 95 -17.79 -24.65 12.41
N TYR B 96 -18.27 -24.38 11.19
CA TYR B 96 -17.96 -25.21 10.00
C TYR B 96 -18.34 -26.65 10.31
N CYS B 97 -19.52 -26.82 10.91
CA CYS B 97 -20.13 -28.14 11.21
C CYS B 97 -21.26 -28.39 10.22
N SER B 98 -21.06 -29.28 9.26
CA SER B 98 -22.11 -29.86 8.39
C SER B 98 -22.43 -31.28 8.88
N PRO B 99 -23.63 -31.52 9.43
CA PRO B 99 -23.90 -32.77 10.13
C PRO B 99 -23.87 -33.88 9.08
N SER B 100 -23.02 -34.88 9.28
CA SER B 100 -22.89 -36.06 8.40
C SER B 100 -22.99 -37.32 9.25
N PRO B 101 -23.68 -38.37 8.75
CA PRO B 101 -23.69 -39.69 9.40
C PRO B 101 -22.26 -40.21 9.65
N THR B 102 -21.33 -39.94 8.70
CA THR B 102 -19.94 -40.43 8.68
C THR B 102 -19.02 -39.60 9.60
N TYR B 103 -19.05 -38.27 9.45
CA TYR B 103 -18.12 -37.34 10.12
C TYR B 103 -18.90 -36.42 11.06
N PRO B 104 -19.50 -36.96 12.16
CA PRO B 104 -20.25 -36.13 13.08
C PRO B 104 -19.30 -35.13 13.75
N CYS B 105 -19.77 -33.89 13.91
CA CYS B 105 -19.03 -32.78 14.58
C CYS B 105 -18.72 -33.19 16.02
N ALA B 106 -17.44 -33.21 16.40
CA ALA B 106 -16.97 -33.51 17.78
C ALA B 106 -17.42 -32.41 18.76
N ALA B 107 -17.90 -32.83 19.94
CA ALA B 107 -18.35 -31.92 21.01
C ALA B 107 -17.26 -30.89 21.31
N GLY B 108 -17.66 -29.61 21.32
CA GLY B 108 -16.83 -28.47 21.72
C GLY B 108 -15.78 -28.11 20.70
N LYS B 109 -15.78 -28.74 19.52
CA LYS B 109 -14.73 -28.56 18.47
C LYS B 109 -15.26 -27.67 17.35
N GLN B 110 -14.36 -26.89 16.76
CA GLN B 110 -14.69 -25.98 15.63
C GLN B 110 -13.76 -26.29 14.46
N TYR B 111 -14.30 -26.29 13.24
CA TYR B 111 -13.58 -26.70 12.01
C TYR B 111 -13.30 -25.47 11.16
N TYR B 112 -12.96 -24.36 11.82
CA TYR B 112 -12.43 -23.15 11.13
C TYR B 112 -11.08 -23.49 10.49
N GLY B 113 -10.65 -22.61 9.59
CA GLY B 113 -9.41 -22.76 8.82
C GLY B 113 -8.17 -22.93 9.71
N ARG B 114 -7.35 -23.90 9.39
CA ARG B 114 -6.07 -24.13 10.11
C ARG B 114 -4.99 -24.59 9.14
N GLY B 115 -3.76 -24.18 9.41
CA GLY B 115 -2.57 -24.57 8.64
C GLY B 115 -2.52 -23.95 7.24
N PRO B 116 -1.59 -24.45 6.40
CA PRO B 116 -1.28 -23.79 5.13
C PRO B 116 -2.43 -23.65 4.13
N ILE B 117 -3.34 -24.61 4.04
CA ILE B 117 -4.49 -24.52 3.10
C ILE B 117 -5.74 -24.01 3.83
N GLN B 118 -5.65 -23.66 5.12
CA GLN B 118 -6.80 -23.23 5.94
C GLN B 118 -7.91 -24.29 5.82
N LEU B 119 -7.54 -25.54 6.08
CA LEU B 119 -8.49 -26.69 6.07
C LEU B 119 -9.69 -26.34 6.94
N SER B 120 -10.89 -26.52 6.40
CA SER B 120 -12.17 -26.11 7.01
C SER B 120 -13.19 -27.24 6.81
N TRP B 121 -14.10 -27.40 7.79
CA TRP B 121 -15.30 -28.27 7.79
C TRP B 121 -15.00 -29.65 8.39
N ASN B 122 -15.92 -30.16 9.21
CA ASN B 122 -15.83 -31.50 9.82
C ASN B 122 -15.52 -32.56 8.75
N TYR B 123 -16.20 -32.52 7.61
CA TYR B 123 -16.09 -33.55 6.54
C TYR B 123 -14.70 -33.55 5.92
N ASN B 124 -14.07 -32.38 5.77
CA ASN B 124 -12.67 -32.27 5.28
C ASN B 124 -11.72 -32.72 6.39
N TYR B 125 -11.97 -32.32 7.63
CA TYR B 125 -11.14 -32.78 8.78
C TYR B 125 -11.25 -34.31 8.90
N GLY B 126 -12.47 -34.84 8.67
CA GLY B 126 -12.72 -36.29 8.73
C GLY B 126 -12.03 -37.03 7.60
N GLN B 127 -12.37 -36.70 6.34
CA GLN B 127 -11.75 -37.25 5.09
C GLN B 127 -10.22 -37.19 5.21
N CYS B 128 -9.69 -36.00 5.47
CA CYS B 128 -8.22 -35.78 5.56
C CYS B 128 -7.66 -36.64 6.69
N GLY B 129 -8.28 -36.57 7.86
CA GLY B 129 -7.95 -37.39 9.05
C GLY B 129 -7.84 -38.86 8.68
N LYS B 130 -8.91 -39.43 8.09
CA LYS B 130 -8.99 -40.83 7.58
C LYS B 130 -7.76 -41.09 6.69
N ALA B 131 -7.46 -40.20 5.74
CA ALA B 131 -6.41 -40.41 4.72
C ALA B 131 -5.01 -40.41 5.36
N ILE B 132 -4.75 -39.57 6.36
CA ILE B 132 -3.36 -39.38 6.89
C ILE B 132 -3.16 -40.15 8.21
N GLY B 133 -4.18 -40.85 8.69
CA GLY B 133 -4.10 -41.68 9.92
C GLY B 133 -3.97 -40.82 11.17
N VAL B 134 -4.77 -39.76 11.27
CA VAL B 134 -4.91 -38.93 12.51
C VAL B 134 -6.39 -38.61 12.71
N ASP B 135 -6.84 -38.61 13.97
CA ASP B 135 -8.24 -38.27 14.32
C ASP B 135 -8.36 -36.74 14.41
N LEU B 136 -8.42 -36.08 13.25
CA LEU B 136 -8.54 -34.60 13.16
C LEU B 136 -9.98 -34.19 13.45
N LEU B 137 -10.95 -35.08 13.25
CA LEU B 137 -12.39 -34.80 13.54
C LEU B 137 -12.52 -34.46 15.04
N ASN B 138 -11.85 -35.25 15.89
CA ASN B 138 -11.90 -35.16 17.37
C ASN B 138 -10.77 -34.27 17.90
N ASN B 139 -9.71 -34.02 17.12
CA ASN B 139 -8.57 -33.18 17.57
C ASN B 139 -8.20 -32.23 16.43
N PRO B 140 -9.16 -31.39 15.95
CA PRO B 140 -8.90 -30.51 14.81
C PRO B 140 -7.70 -29.55 15.02
N ASP B 141 -7.45 -29.12 16.24
CA ASP B 141 -6.39 -28.09 16.48
C ASP B 141 -4.99 -28.68 16.26
N LEU B 142 -4.84 -30.00 16.11
CA LEU B 142 -3.56 -30.64 15.74
C LEU B 142 -2.99 -29.97 14.47
N VAL B 143 -3.88 -29.49 13.62
CA VAL B 143 -3.53 -28.87 12.31
C VAL B 143 -2.84 -27.53 12.59
N ALA B 144 -3.05 -26.92 13.76
CA ALA B 144 -2.38 -25.63 14.11
C ALA B 144 -1.30 -25.84 15.20
N THR B 145 -1.17 -27.05 15.76
CA THR B 145 -0.22 -27.32 16.87
C THR B 145 0.88 -28.31 16.46
N ASP B 146 0.66 -29.10 15.40
CA ASP B 146 1.65 -30.10 14.92
C ASP B 146 2.08 -29.72 13.50
N PRO B 147 3.33 -29.24 13.29
CA PRO B 147 3.75 -28.70 12.00
C PRO B 147 3.72 -29.74 10.87
N VAL B 148 4.09 -30.99 11.15
CA VAL B 148 4.07 -32.07 10.10
C VAL B 148 2.63 -32.36 9.70
N ILE B 149 1.72 -32.55 10.66
CA ILE B 149 0.27 -32.72 10.40
C ILE B 149 -0.21 -31.50 9.61
N SER B 150 0.26 -30.30 10.00
CA SER B 150 -0.19 -29.03 9.40
C SER B 150 0.09 -29.08 7.89
N PHE B 151 1.34 -29.35 7.52
CA PHE B 151 1.78 -29.45 6.12
C PHE B 151 1.05 -30.61 5.43
N LYS B 152 0.85 -31.74 6.13
CA LYS B 152 0.18 -32.92 5.52
C LYS B 152 -1.26 -32.61 5.15
N THR B 153 -1.98 -31.78 5.92
CA THR B 153 -3.37 -31.40 5.58
C THR B 153 -3.37 -30.63 4.26
N ALA B 154 -2.40 -29.73 4.08
CA ALA B 154 -2.31 -28.89 2.86
C ALA B 154 -1.94 -29.75 1.66
N LEU B 155 -0.97 -30.65 1.83
CA LEU B 155 -0.55 -31.58 0.75
C LEU B 155 -1.67 -32.58 0.45
N TRP B 156 -2.37 -33.10 1.47
CA TRP B 156 -3.57 -33.92 1.23
C TRP B 156 -4.52 -33.15 0.31
N PHE B 157 -4.79 -31.89 0.62
CA PHE B 157 -5.78 -31.10 -0.15
C PHE B 157 -5.28 -30.98 -1.59
N TRP B 158 -4.02 -30.62 -1.72
CA TRP B 158 -3.33 -30.42 -3.02
C TRP B 158 -3.43 -31.67 -3.91
N MET B 159 -3.33 -32.85 -3.30
CA MET B 159 -3.07 -34.11 -4.05
C MET B 159 -4.38 -34.88 -4.26
N THR B 160 -5.50 -34.43 -3.69
CA THR B 160 -6.76 -35.23 -3.61
C THR B 160 -7.82 -34.67 -4.55
N PRO B 161 -8.20 -35.41 -5.63
CA PRO B 161 -9.34 -35.03 -6.45
C PRO B 161 -10.65 -35.03 -5.64
N GLN B 162 -11.57 -34.11 -5.96
CA GLN B 162 -12.92 -34.06 -5.35
C GLN B 162 -13.91 -33.83 -6.50
N SER B 163 -14.14 -34.86 -7.34
CA SER B 163 -14.92 -34.77 -8.60
C SER B 163 -16.15 -33.89 -8.38
N PRO B 164 -16.49 -32.94 -9.29
CA PRO B 164 -15.84 -32.79 -10.61
C PRO B 164 -14.53 -32.00 -10.61
N LYS B 165 -14.06 -31.55 -9.44
CA LYS B 165 -12.75 -30.89 -9.27
C LYS B 165 -11.64 -31.91 -9.43
N PRO B 166 -10.71 -31.74 -10.42
CA PRO B 166 -9.45 -32.50 -10.42
C PRO B 166 -8.59 -32.08 -9.23
N SER B 167 -7.49 -32.78 -8.96
CA SER B 167 -6.48 -32.37 -7.95
C SER B 167 -5.69 -31.18 -8.48
N CYS B 168 -5.34 -30.24 -7.62
CA CYS B 168 -4.35 -29.17 -7.95
C CYS B 168 -3.09 -29.80 -8.52
N HIS B 169 -2.63 -30.91 -7.96
CA HIS B 169 -1.43 -31.66 -8.43
C HIS B 169 -1.56 -32.00 -9.91
N ASN B 170 -2.70 -32.59 -10.29
CA ASN B 170 -2.92 -33.05 -11.69
C ASN B 170 -2.99 -31.84 -12.63
N VAL B 171 -3.58 -30.72 -12.19
CA VAL B 171 -3.66 -29.49 -13.01
C VAL B 171 -2.24 -28.97 -13.27
N ILE B 172 -1.45 -28.74 -12.22
CA ILE B 172 -0.16 -28.00 -12.35
C ILE B 172 0.89 -28.89 -13.06
N THR B 173 0.74 -30.21 -13.01
CA THR B 173 1.71 -31.16 -13.63
C THR B 173 1.35 -31.46 -15.08
N GLY B 174 0.16 -31.00 -15.52
CA GLY B 174 -0.31 -31.17 -16.90
C GLY B 174 -0.90 -32.55 -17.15
N ILE B 175 -1.17 -33.32 -16.08
CA ILE B 175 -1.84 -34.65 -16.19
C ILE B 175 -3.33 -34.42 -16.50
N TRP B 176 -3.97 -33.43 -15.88
CA TRP B 176 -5.39 -33.08 -16.12
C TRP B 176 -5.56 -32.60 -17.56
N LYS B 177 -6.49 -33.23 -18.29
CA LYS B 177 -6.83 -32.85 -19.68
C LYS B 177 -8.27 -32.30 -19.65
N PRO B 178 -8.45 -30.97 -19.86
CA PRO B 178 -9.77 -30.36 -19.91
C PRO B 178 -10.76 -31.16 -20.78
N SER B 179 -11.96 -31.43 -20.24
CA SER B 179 -13.10 -32.08 -20.95
C SER B 179 -13.72 -31.10 -21.93
N ALA B 180 -14.59 -31.59 -22.83
CA ALA B 180 -15.38 -30.74 -23.76
C ALA B 180 -16.16 -29.70 -22.95
N ALA B 181 -16.83 -30.13 -21.86
CA ALA B 181 -17.56 -29.25 -20.91
C ALA B 181 -16.62 -28.17 -20.36
N ASP B 182 -15.42 -28.55 -19.90
CA ASP B 182 -14.42 -27.61 -19.33
C ASP B 182 -14.05 -26.56 -20.39
N GLN B 183 -13.77 -27.02 -21.62
CA GLN B 183 -13.38 -26.16 -22.76
C GLN B 183 -14.49 -25.12 -22.97
N SER B 184 -15.76 -25.54 -23.01
CA SER B 184 -16.92 -24.66 -23.26
C SER B 184 -17.12 -23.71 -22.07
N ALA B 185 -16.68 -24.11 -20.87
CA ALA B 185 -16.78 -23.32 -19.62
C ALA B 185 -15.55 -22.43 -19.42
N GLY B 186 -14.58 -22.45 -20.34
CA GLY B 186 -13.39 -21.59 -20.31
C GLY B 186 -12.35 -22.07 -19.31
N ARG B 187 -12.51 -23.29 -18.80
CA ARG B 187 -11.56 -23.88 -17.81
C ARG B 187 -10.37 -24.45 -18.59
N VAL B 188 -9.18 -23.90 -18.37
CA VAL B 188 -7.94 -24.20 -19.14
C VAL B 188 -6.83 -24.55 -18.16
N ALA B 189 -5.82 -25.30 -18.62
CA ALA B 189 -4.74 -25.84 -17.77
C ALA B 189 -3.80 -24.70 -17.37
N GLY B 190 -3.36 -24.71 -16.12
CA GLY B 190 -2.40 -23.72 -15.58
C GLY B 190 -2.77 -23.33 -14.17
N TYR B 191 -2.06 -22.34 -13.62
CA TYR B 191 -2.19 -21.95 -12.20
C TYR B 191 -3.61 -21.52 -11.89
N GLY B 192 -4.27 -20.83 -12.82
CA GLY B 192 -5.65 -20.35 -12.68
C GLY B 192 -6.62 -21.45 -12.30
N ALA B 193 -6.47 -22.63 -12.90
CA ALA B 193 -7.35 -23.79 -12.62
C ALA B 193 -7.13 -24.27 -11.17
N THR B 194 -5.94 -24.08 -10.57
CA THR B 194 -5.74 -24.44 -9.15
C THR B 194 -6.52 -23.47 -8.27
N THR B 195 -6.57 -22.20 -8.61
CA THR B 195 -7.43 -21.23 -7.87
C THR B 195 -8.88 -21.69 -7.96
N ASN B 196 -9.30 -22.08 -9.17
CA ASN B 196 -10.68 -22.56 -9.43
C ASN B 196 -11.01 -23.74 -8.50
N ILE B 197 -10.11 -24.72 -8.41
CA ILE B 197 -10.28 -25.89 -7.49
C ILE B 197 -10.41 -25.38 -6.05
N ILE B 198 -9.51 -24.48 -5.63
CA ILE B 198 -9.37 -24.06 -4.22
C ILE B 198 -10.57 -23.23 -3.78
N ASN B 199 -11.00 -22.25 -4.59
CA ASN B 199 -12.07 -21.33 -4.17
C ASN B 199 -12.77 -20.72 -5.39
N GLY B 200 -12.95 -21.49 -6.47
CA GLY B 200 -13.54 -21.01 -7.73
C GLY B 200 -14.90 -20.38 -7.53
N GLY B 201 -15.75 -20.97 -6.69
CA GLY B 201 -17.12 -20.48 -6.44
C GLY B 201 -17.12 -18.99 -6.14
N LEU B 202 -16.15 -18.52 -5.34
CA LEU B 202 -16.14 -17.13 -4.84
C LEU B 202 -15.16 -16.26 -5.62
N GLU B 203 -14.22 -16.86 -6.37
CA GLU B 203 -13.09 -16.07 -6.94
C GLU B 203 -13.04 -16.11 -8.47
N CYS B 204 -13.66 -17.08 -9.14
CA CYS B 204 -13.41 -17.32 -10.59
C CYS B 204 -14.66 -17.03 -11.44
N GLY B 205 -14.39 -16.68 -12.71
CA GLY B 205 -15.42 -16.41 -13.73
C GLY B 205 -16.19 -15.13 -13.44
N GLN B 206 -15.68 -14.25 -12.59
CA GLN B 206 -16.36 -12.99 -12.16
C GLN B 206 -15.46 -11.79 -12.48
N GLY B 207 -14.52 -11.94 -13.41
CA GLY B 207 -13.53 -10.88 -13.72
C GLY B 207 -12.58 -10.63 -12.55
N TRP B 208 -11.87 -9.51 -12.60
CA TRP B 208 -10.72 -9.21 -11.70
C TRP B 208 -11.14 -9.31 -10.22
N LYS B 209 -10.27 -9.90 -9.40
CA LYS B 209 -10.45 -10.04 -7.93
C LYS B 209 -9.07 -9.90 -7.28
N ALA B 210 -8.98 -9.04 -6.25
CA ALA B 210 -7.75 -8.79 -5.45
C ALA B 210 -7.22 -10.13 -4.89
N GLN B 211 -8.10 -11.01 -4.42
CA GLN B 211 -7.65 -12.30 -3.81
C GLN B 211 -6.88 -13.11 -4.87
N VAL B 212 -7.36 -13.15 -6.11
CA VAL B 212 -6.75 -13.96 -7.20
C VAL B 212 -5.41 -13.34 -7.58
N GLU B 213 -5.35 -12.01 -7.71
CA GLU B 213 -4.08 -11.29 -8.01
C GLU B 213 -3.07 -11.65 -6.92
N ASP B 214 -3.49 -11.76 -5.66
CA ASP B 214 -2.59 -12.09 -4.52
C ASP B 214 -2.04 -13.52 -4.71
N ARG B 215 -2.92 -14.47 -5.03
CA ARG B 215 -2.49 -15.86 -5.32
C ARG B 215 -1.42 -15.86 -6.42
N ILE B 216 -1.64 -15.09 -7.49
CA ILE B 216 -0.70 -15.01 -8.64
C ILE B 216 0.61 -14.35 -8.21
N GLY B 217 0.57 -13.28 -7.41
CA GLY B 217 1.81 -12.58 -6.99
C GLY B 217 2.75 -13.50 -6.23
N PHE B 218 2.22 -14.33 -5.33
CA PHE B 218 3.07 -15.30 -4.59
C PHE B 218 3.67 -16.29 -5.58
N TYR B 219 2.83 -16.86 -6.44
CA TYR B 219 3.26 -17.89 -7.41
C TYR B 219 4.39 -17.34 -8.29
N LYS B 220 4.22 -16.14 -8.83
CA LYS B 220 5.23 -15.53 -9.72
C LYS B 220 6.53 -15.30 -8.95
N ARG B 221 6.44 -14.77 -7.74
CA ARG B 221 7.68 -14.51 -6.96
C ARG B 221 8.43 -15.82 -6.75
N TYR B 222 7.72 -16.91 -6.44
CA TYR B 222 8.39 -18.19 -6.10
C TYR B 222 8.97 -18.81 -7.37
N CYS B 223 8.27 -18.71 -8.50
CA CYS B 223 8.77 -19.10 -9.83
C CYS B 223 10.05 -18.32 -10.14
N ASP B 224 10.06 -17.00 -9.88
CA ASP B 224 11.24 -16.12 -10.13
C ASP B 224 12.43 -16.65 -9.32
N ILE B 225 12.21 -17.02 -8.06
CA ILE B 225 13.32 -17.51 -7.19
C ILE B 225 13.81 -18.86 -7.72
N PHE B 226 12.91 -19.73 -8.17
CA PHE B 226 13.25 -21.03 -8.81
C PHE B 226 13.89 -20.85 -10.20
N LYS B 227 13.77 -19.66 -10.79
CA LYS B 227 14.24 -19.35 -12.18
C LYS B 227 13.47 -20.25 -13.15
N VAL B 228 12.14 -20.35 -13.03
CA VAL B 228 11.28 -21.09 -13.99
C VAL B 228 10.16 -20.18 -14.48
N GLY B 229 9.67 -20.44 -15.69
CA GLY B 229 8.51 -19.77 -16.28
C GLY B 229 7.26 -20.06 -15.48
N TYR B 230 6.25 -19.21 -15.58
CA TYR B 230 4.98 -19.31 -14.84
C TYR B 230 4.04 -20.34 -15.50
N GLY B 231 4.30 -20.70 -16.76
CA GLY B 231 3.29 -21.34 -17.61
C GLY B 231 2.19 -20.37 -18.01
N ASN B 232 1.12 -20.85 -18.65
CA ASN B 232 0.04 -19.98 -19.15
C ASN B 232 -1.17 -20.03 -18.21
N ASN B 233 -2.15 -19.16 -18.48
CA ASN B 233 -3.48 -19.14 -17.84
C ASN B 233 -3.28 -19.06 -16.32
N LEU B 234 -2.74 -17.94 -15.83
CA LEU B 234 -2.45 -17.74 -14.38
C LEU B 234 -3.71 -17.33 -13.61
N ASP B 235 -4.66 -16.64 -14.22
CA ASP B 235 -5.89 -16.20 -13.51
C ASP B 235 -7.05 -17.11 -13.90
N CYS B 236 -8.17 -16.98 -13.21
CA CYS B 236 -9.42 -17.72 -13.48
C CYS B 236 -10.59 -16.75 -13.66
N TYR B 237 -10.30 -15.48 -13.96
CA TYR B 237 -11.33 -14.42 -14.09
C TYR B 237 -12.38 -14.83 -15.12
N ASN B 238 -11.97 -15.62 -16.12
CA ASN B 238 -12.81 -15.96 -17.30
C ASN B 238 -13.14 -17.46 -17.30
N GLN B 239 -12.93 -18.16 -16.19
CA GLN B 239 -13.24 -19.61 -16.06
C GLN B 239 -14.47 -19.79 -15.19
N ARG B 240 -15.45 -20.56 -15.66
CA ARG B 240 -16.61 -20.99 -14.85
C ARG B 240 -16.08 -21.82 -13.68
N PRO B 241 -16.56 -21.60 -12.44
CA PRO B 241 -16.22 -22.49 -11.32
C PRO B 241 -16.51 -23.96 -11.67
N PHE B 242 -15.63 -24.89 -11.29
CA PHE B 242 -15.93 -26.35 -11.24
C PHE B 242 -17.10 -26.54 -10.26
N GLY B 243 -18.00 -27.49 -10.54
CA GLY B 243 -19.09 -27.89 -9.63
C GLY B 243 -18.61 -28.09 -8.20
N ASP C 1 5.60 -3.95 -38.77
CA ASP C 1 5.58 -3.18 -37.49
C ASP C 1 6.93 -3.32 -36.79
N ILE C 2 7.16 -2.55 -35.73
CA ILE C 2 8.53 -2.26 -35.21
C ILE C 2 9.12 -3.51 -34.54
N SER C 3 8.31 -4.55 -34.29
CA SER C 3 8.70 -5.86 -33.70
C SER C 3 9.94 -6.44 -34.39
N LYS C 4 10.11 -6.21 -35.71
CA LYS C 4 11.20 -6.82 -36.51
C LYS C 4 12.37 -5.83 -36.67
N LEU C 5 12.24 -4.60 -36.15
CA LEU C 5 13.39 -3.66 -36.01
C LEU C 5 13.97 -3.80 -34.59
N ILE C 6 13.10 -3.96 -33.59
CA ILE C 6 13.54 -4.11 -32.17
C ILE C 6 12.92 -5.38 -31.58
N SER C 7 13.74 -6.42 -31.43
CA SER C 7 13.34 -7.74 -30.89
C SER C 7 13.15 -7.63 -29.38
N ARG C 8 12.54 -8.65 -28.77
CA ARG C 8 12.41 -8.75 -27.30
C ARG C 8 13.81 -8.70 -26.69
N GLY C 9 14.76 -9.43 -27.28
CA GLY C 9 16.16 -9.51 -26.82
C GLY C 9 16.83 -8.15 -26.83
N THR C 10 16.63 -7.37 -27.89
CA THR C 10 17.24 -6.02 -28.01
C THR C 10 16.63 -5.10 -26.94
N PHE C 11 15.30 -5.08 -26.83
CA PHE C 11 14.56 -4.25 -25.83
C PHE C 11 15.09 -4.58 -24.43
N ASP C 12 15.17 -5.86 -24.09
CA ASP C 12 15.60 -6.30 -22.74
C ASP C 12 17.09 -5.96 -22.52
N GLN C 13 17.93 -5.99 -23.55
CA GLN C 13 19.35 -5.57 -23.44
C GLN C 13 19.39 -4.07 -23.18
N MET C 14 18.61 -3.27 -23.93
CA MET C 14 18.59 -1.79 -23.75
C MET C 14 18.12 -1.47 -22.33
N LEU C 15 16.99 -2.03 -21.91
CA LEU C 15 16.35 -1.69 -20.61
C LEU C 15 16.65 -2.82 -19.60
N LYS C 16 17.93 -3.11 -19.40
CA LYS C 16 18.37 -4.37 -18.73
C LYS C 16 18.28 -4.28 -17.20
N HIS C 17 18.03 -3.11 -16.61
CA HIS C 17 17.95 -2.95 -15.13
C HIS C 17 16.55 -2.58 -14.66
N ARG C 18 15.57 -2.47 -15.56
CA ARG C 18 14.21 -1.98 -15.19
C ARG C 18 13.55 -2.96 -14.21
N ASN C 19 13.97 -4.23 -14.19
CA ASN C 19 13.35 -5.27 -13.32
C ASN C 19 14.20 -5.51 -12.07
N ASP C 20 15.19 -4.63 -11.80
CA ASP C 20 15.95 -4.62 -10.53
C ASP C 20 14.99 -4.46 -9.35
N GLY C 21 15.28 -5.12 -8.24
CA GLY C 21 14.56 -4.96 -6.97
C GLY C 21 14.38 -3.52 -6.55
N ALA C 22 15.37 -2.66 -6.82
CA ALA C 22 15.35 -1.24 -6.38
C ALA C 22 14.52 -0.37 -7.33
N CYS C 23 14.07 -0.90 -8.46
CA CYS C 23 13.27 -0.12 -9.43
C CYS C 23 11.79 -0.28 -9.12
N PRO C 24 11.08 0.81 -8.77
CA PRO C 24 9.63 0.74 -8.51
C PRO C 24 8.83 0.22 -9.71
N ALA C 25 9.37 0.35 -10.93
CA ALA C 25 8.72 -0.09 -12.19
C ALA C 25 9.00 -1.58 -12.47
N LYS C 26 9.63 -2.33 -11.57
CA LYS C 26 10.00 -3.73 -11.87
C LYS C 26 8.75 -4.51 -12.31
N GLY C 27 8.85 -5.20 -13.45
CA GLY C 27 7.80 -6.07 -14.01
C GLY C 27 6.75 -5.30 -14.79
N PHE C 28 6.72 -3.96 -14.69
CA PHE C 28 5.66 -3.11 -15.29
C PHE C 28 5.84 -2.90 -16.79
N TYR C 29 6.98 -2.37 -17.23
CA TYR C 29 7.21 -1.92 -18.61
C TYR C 29 7.60 -3.11 -19.49
N THR C 30 6.62 -3.81 -20.07
CA THR C 30 6.90 -5.05 -20.82
C THR C 30 7.12 -4.75 -22.31
N TYR C 31 7.91 -5.59 -22.97
CA TYR C 31 8.14 -5.54 -24.44
C TYR C 31 6.78 -5.66 -25.12
N ASP C 32 5.94 -6.59 -24.66
CA ASP C 32 4.60 -6.84 -25.27
C ASP C 32 3.77 -5.55 -25.26
N ALA C 33 3.82 -4.77 -24.17
CA ALA C 33 3.05 -3.51 -24.03
C ALA C 33 3.60 -2.44 -24.97
N PHE C 34 4.93 -2.36 -25.13
CA PHE C 34 5.59 -1.39 -26.02
C PHE C 34 5.13 -1.65 -27.45
N ILE C 35 5.20 -2.91 -27.88
CA ILE C 35 4.87 -3.38 -29.25
C ILE C 35 3.39 -3.12 -29.50
N ALA C 36 2.52 -3.43 -28.54
CA ALA C 36 1.07 -3.21 -28.67
C ALA C 36 0.81 -1.71 -28.85
N ALA C 37 1.32 -0.87 -27.94
CA ALA C 37 1.18 0.60 -27.96
C ALA C 37 1.66 1.15 -29.31
N ALA C 38 2.79 0.67 -29.81
CA ALA C 38 3.36 1.17 -31.07
C ALA C 38 2.35 0.95 -32.20
N LYS C 39 1.65 -0.17 -32.20
CA LYS C 39 0.69 -0.52 -33.28
C LYS C 39 -0.42 0.53 -33.33
N ALA C 40 -0.69 1.20 -32.21
CA ALA C 40 -1.75 2.23 -32.10
C ALA C 40 -1.27 3.58 -32.67
N PHE C 41 0.00 3.72 -33.08
CA PHE C 41 0.59 5.02 -33.54
C PHE C 41 1.21 4.88 -34.93
N PRO C 42 0.38 5.03 -36.00
CA PRO C 42 0.85 4.89 -37.37
C PRO C 42 2.07 5.78 -37.63
N GLY C 43 3.13 5.19 -38.18
CA GLY C 43 4.34 5.93 -38.55
C GLY C 43 5.44 5.79 -37.52
N PHE C 44 5.13 5.44 -36.27
CA PHE C 44 6.18 5.34 -35.21
C PHE C 44 7.12 4.19 -35.59
N GLY C 45 8.38 4.51 -35.88
CA GLY C 45 9.42 3.51 -36.22
C GLY C 45 9.15 2.83 -37.55
N THR C 46 8.27 3.43 -38.37
CA THR C 46 7.98 2.96 -39.75
C THR C 46 8.08 4.14 -40.74
N THR C 47 8.72 5.24 -40.34
CA THR C 47 8.88 6.47 -41.18
C THR C 47 10.35 6.63 -41.54
N GLY C 48 10.64 6.56 -42.84
CA GLY C 48 11.98 6.84 -43.40
C GLY C 48 12.74 5.58 -43.70
N ASP C 49 14.04 5.71 -43.91
CA ASP C 49 14.93 4.56 -44.18
C ASP C 49 15.14 3.81 -42.84
N ASP C 50 15.75 2.64 -42.94
CA ASP C 50 15.94 1.71 -41.80
C ASP C 50 16.71 2.41 -40.68
N ALA C 51 17.76 3.15 -41.01
CA ALA C 51 18.63 3.84 -40.03
C ALA C 51 17.80 4.89 -39.30
N THR C 52 16.94 5.61 -40.03
CA THR C 52 16.07 6.69 -39.47
C THR C 52 15.06 6.06 -38.51
N ARG C 53 14.49 4.93 -38.88
CA ARG C 53 13.49 4.19 -38.07
C ARG C 53 14.16 3.74 -36.76
N LYS C 54 15.37 3.19 -36.84
CA LYS C 54 16.12 2.77 -35.64
C LYS C 54 16.50 3.98 -34.78
N ARG C 55 16.94 5.09 -35.40
CA ARG C 55 17.21 6.35 -34.67
C ARG C 55 15.92 6.83 -34.00
N GLU C 56 14.76 6.74 -34.66
CA GLU C 56 13.49 7.16 -33.99
C GLU C 56 13.29 6.31 -32.72
N ILE C 57 13.37 4.99 -32.84
CA ILE C 57 13.16 4.08 -31.68
C ILE C 57 14.23 4.38 -30.62
N ALA C 58 15.49 4.61 -31.01
CA ALA C 58 16.57 4.93 -30.03
C ALA C 58 16.31 6.27 -29.33
N ALA C 59 15.87 7.27 -30.11
CA ALA C 59 15.56 8.62 -29.61
C ALA C 59 14.40 8.53 -28.61
N PHE C 60 13.31 7.86 -28.98
CA PHE C 60 12.14 7.69 -28.09
C PHE C 60 12.57 6.97 -26.81
N LEU C 61 13.25 5.84 -26.94
CA LEU C 61 13.69 5.05 -25.76
C LEU C 61 14.73 5.86 -24.97
N GLY C 62 15.58 6.65 -25.63
CA GLY C 62 16.60 7.44 -24.92
C GLY C 62 15.98 8.54 -24.07
N GLN C 63 15.02 9.27 -24.62
CA GLN C 63 14.39 10.40 -23.90
C GLN C 63 13.53 9.86 -22.76
N THR C 64 12.74 8.82 -23.02
CA THR C 64 11.90 8.20 -21.97
C THR C 64 12.79 7.53 -20.91
N SER C 65 13.94 6.94 -21.31
CA SER C 65 14.90 6.35 -20.34
C SER C 65 15.39 7.46 -19.38
N HIS C 66 15.76 8.63 -19.91
CA HIS C 66 16.17 9.77 -19.05
C HIS C 66 15.06 10.14 -18.08
N GLU C 67 13.80 10.25 -18.55
CA GLU C 67 12.67 10.68 -17.70
C GLU C 67 12.46 9.73 -16.53
N THR C 68 12.84 8.47 -16.70
CA THR C 68 12.55 7.37 -15.75
C THR C 68 13.83 6.76 -15.17
N THR C 69 14.98 7.39 -15.36
CA THR C 69 16.29 6.72 -15.09
C THR C 69 16.47 6.46 -13.60
N GLY C 70 17.00 5.26 -13.27
CA GLY C 70 17.53 4.95 -11.93
C GLY C 70 19.05 5.03 -11.89
N GLY C 71 19.67 5.53 -12.95
CA GLY C 71 21.14 5.46 -13.09
C GLY C 71 21.87 6.41 -12.17
N TRP C 72 23.15 6.10 -11.95
CA TRP C 72 24.14 6.98 -11.30
C TRP C 72 25.49 6.67 -11.95
N ALA C 73 26.48 7.57 -11.82
CA ALA C 73 27.72 7.50 -12.64
C ALA C 73 28.44 6.16 -12.39
N SER C 74 28.43 5.66 -11.15
CA SER C 74 29.19 4.45 -10.75
C SER C 74 28.30 3.21 -10.80
N ALA C 75 27.10 3.29 -11.39
CA ALA C 75 26.16 2.15 -11.45
C ALA C 75 26.76 1.01 -12.26
N PRO C 76 26.40 -0.25 -11.92
CA PRO C 76 26.78 -1.40 -12.73
C PRO C 76 26.17 -1.26 -14.13
N ASP C 77 26.98 -1.59 -15.14
CA ASP C 77 26.65 -1.49 -16.58
C ASP C 77 26.55 -0.02 -17.02
N GLY C 78 26.88 0.91 -16.12
CA GLY C 78 26.91 2.35 -16.41
C GLY C 78 25.52 2.96 -16.32
N PRO C 79 25.44 4.31 -16.26
CA PRO C 79 24.19 5.02 -16.02
C PRO C 79 23.19 4.85 -17.17
N TYR C 80 23.66 4.50 -18.36
CA TYR C 80 22.80 4.43 -19.58
C TYR C 80 22.21 3.03 -19.75
N SER C 81 22.23 2.21 -18.72
CA SER C 81 21.55 0.89 -18.68
C SER C 81 20.38 0.89 -17.67
N TRP C 82 20.06 2.04 -17.07
CA TRP C 82 19.11 2.13 -15.93
C TRP C 82 17.84 2.89 -16.32
N GLY C 83 17.50 2.87 -17.60
CA GLY C 83 16.23 3.45 -18.06
C GLY C 83 15.03 2.69 -17.54
N TYR C 84 13.88 3.36 -17.47
CA TYR C 84 12.57 2.72 -17.20
C TYR C 84 12.54 2.10 -15.80
N CYS C 85 13.26 2.71 -14.85
CA CYS C 85 13.32 2.25 -13.45
C CYS C 85 12.10 2.76 -12.65
N PHE C 86 11.55 3.91 -13.02
CA PHE C 86 10.51 4.61 -12.23
C PHE C 86 9.18 4.67 -12.99
N LEU C 87 8.10 4.71 -12.23
CA LEU C 87 6.70 4.84 -12.71
C LEU C 87 6.22 6.28 -12.52
N ARG C 88 6.50 6.87 -11.36
CA ARG C 88 5.84 8.09 -10.88
C ARG C 88 6.89 9.11 -10.43
N GLU C 89 6.61 10.38 -10.68
CA GLU C 89 7.48 11.51 -10.28
C GLU C 89 7.84 11.39 -8.80
N LYS C 90 9.11 11.68 -8.48
CA LYS C 90 9.61 11.69 -7.09
C LYS C 90 9.28 13.04 -6.45
N ASN C 91 8.62 13.01 -5.31
CA ASN C 91 8.52 14.17 -4.38
C ASN C 91 7.90 15.34 -5.13
N PRO C 92 6.74 15.15 -5.83
CA PRO C 92 6.10 16.24 -6.56
C PRO C 92 5.72 17.34 -5.56
N SER C 93 5.97 18.62 -5.90
CA SER C 93 5.61 19.76 -5.03
C SER C 93 4.37 20.47 -5.57
N SER C 94 3.72 19.93 -6.61
CA SER C 94 2.49 20.47 -7.23
C SER C 94 1.50 19.36 -7.60
N SER C 95 0.22 19.72 -7.77
CA SER C 95 -0.86 18.84 -8.30
C SER C 95 -0.86 18.88 -9.84
N TYR C 96 -0.13 19.82 -10.43
CA TYR C 96 -0.02 19.98 -11.90
C TYR C 96 -1.44 20.18 -12.45
N CYS C 97 -2.20 21.03 -11.77
CA CYS C 97 -3.58 21.42 -12.17
C CYS C 97 -3.55 22.89 -12.63
N SER C 98 -3.79 23.10 -13.92
CA SER C 98 -4.06 24.41 -14.55
C SER C 98 -5.51 24.40 -15.04
N PRO C 99 -6.46 24.97 -14.28
CA PRO C 99 -7.88 24.78 -14.55
C PRO C 99 -8.35 25.64 -15.74
N SER C 100 -9.30 25.12 -16.52
CA SER C 100 -10.00 25.87 -17.60
C SER C 100 -11.25 25.11 -18.02
N PRO C 101 -12.22 25.76 -18.71
CA PRO C 101 -13.33 25.03 -19.33
C PRO C 101 -12.79 24.05 -20.39
N THR C 102 -11.77 24.48 -21.13
CA THR C 102 -11.08 23.67 -22.18
C THR C 102 -10.40 22.47 -21.54
N TYR C 103 -9.69 22.70 -20.42
CA TYR C 103 -8.86 21.68 -19.71
C TYR C 103 -9.24 21.65 -18.23
N PRO C 104 -10.31 20.90 -17.88
CA PRO C 104 -10.76 20.78 -16.49
C PRO C 104 -9.76 19.97 -15.65
N CYS C 105 -9.96 19.98 -14.31
CA CYS C 105 -9.24 19.17 -13.29
C CYS C 105 -10.21 18.28 -12.53
N ALA C 106 -9.78 17.09 -12.13
CA ALA C 106 -10.60 16.16 -11.30
C ALA C 106 -10.29 16.40 -9.81
N ALA C 107 -11.34 16.43 -8.98
CA ALA C 107 -11.23 16.63 -7.52
C ALA C 107 -10.27 15.60 -6.92
N GLY C 108 -9.28 16.09 -6.18
CA GLY C 108 -8.32 15.26 -5.41
C GLY C 108 -7.23 14.66 -6.29
N LYS C 109 -7.36 14.69 -7.62
CA LYS C 109 -6.38 14.02 -8.52
C LYS C 109 -5.12 14.88 -8.66
N GLN C 110 -3.98 14.24 -8.93
CA GLN C 110 -2.67 14.91 -9.10
C GLN C 110 -2.10 14.46 -10.44
N TYR C 111 -1.75 15.41 -11.31
CA TYR C 111 -1.23 15.10 -12.66
C TYR C 111 0.31 15.24 -12.65
N TYR C 112 0.94 14.72 -11.60
CA TYR C 112 2.42 14.60 -11.55
C TYR C 112 2.86 13.60 -12.62
N GLY C 113 4.17 13.56 -12.89
CA GLY C 113 4.74 12.71 -13.94
C GLY C 113 4.41 11.24 -13.76
N ARG C 114 3.97 10.58 -14.83
CA ARG C 114 3.76 9.12 -14.82
C ARG C 114 4.17 8.53 -16.16
N GLY C 115 4.67 7.31 -16.10
CA GLY C 115 5.02 6.53 -17.28
C GLY C 115 6.30 7.02 -17.95
N PRO C 116 6.57 6.51 -19.15
CA PRO C 116 7.86 6.71 -19.81
C PRO C 116 8.25 8.16 -20.13
N ILE C 117 7.30 9.04 -20.46
CA ILE C 117 7.62 10.46 -20.74
C ILE C 117 7.33 11.32 -19.49
N GLN C 118 6.92 10.71 -18.39
CA GLN C 118 6.55 11.43 -17.15
C GLN C 118 5.49 12.49 -17.51
N LEU C 119 4.47 12.03 -18.24
CA LEU C 119 3.29 12.84 -18.64
C LEU C 119 2.77 13.57 -17.40
N SER C 120 2.61 14.87 -17.52
CA SER C 120 2.27 15.83 -16.45
C SER C 120 1.19 16.78 -16.96
N TRP C 121 0.38 17.34 -16.04
CA TRP C 121 -0.66 18.38 -16.28
C TRP C 121 -2.01 17.79 -16.69
N ASN C 122 -3.08 18.29 -16.07
CA ASN C 122 -4.48 17.93 -16.37
C ASN C 122 -4.72 18.01 -17.90
N TYR C 123 -4.15 19.01 -18.58
CA TYR C 123 -4.41 19.24 -20.03
C TYR C 123 -3.81 18.11 -20.88
N ASN C 124 -2.67 17.56 -20.49
CA ASN C 124 -2.06 16.45 -21.27
C ASN C 124 -2.79 15.15 -20.97
N TYR C 125 -3.19 14.89 -19.72
CA TYR C 125 -3.94 13.66 -19.36
C TYR C 125 -5.26 13.70 -20.15
N GLY C 126 -5.84 14.90 -20.25
CA GLY C 126 -7.13 15.14 -20.92
C GLY C 126 -7.03 14.84 -22.42
N GLN C 127 -6.14 15.53 -23.13
CA GLN C 127 -5.90 15.38 -24.59
C GLN C 127 -5.50 13.96 -24.94
N CYS C 128 -4.53 13.39 -24.21
CA CYS C 128 -4.00 12.03 -24.49
C CYS C 128 -5.12 11.00 -24.33
N GLY C 129 -5.83 11.04 -23.20
CA GLY C 129 -6.92 10.10 -22.90
C GLY C 129 -7.96 10.12 -24.00
N LYS C 130 -8.27 11.31 -24.50
CA LYS C 130 -9.27 11.52 -25.59
C LYS C 130 -8.75 10.81 -26.85
N ALA C 131 -7.45 10.97 -27.15
CA ALA C 131 -6.82 10.42 -28.36
C ALA C 131 -6.77 8.88 -28.26
N ILE C 132 -6.54 8.32 -27.08
CA ILE C 132 -6.36 6.84 -26.94
C ILE C 132 -7.65 6.16 -26.46
N GLY C 133 -8.71 6.94 -26.21
CA GLY C 133 -10.04 6.39 -25.88
C GLY C 133 -10.10 5.81 -24.48
N VAL C 134 -9.37 6.44 -23.55
CA VAL C 134 -9.35 6.10 -22.11
C VAL C 134 -9.52 7.41 -21.34
N ASP C 135 -10.31 7.42 -20.26
CA ASP C 135 -10.50 8.62 -19.40
C ASP C 135 -9.34 8.73 -18.40
N LEU C 136 -8.22 9.33 -18.81
CA LEU C 136 -7.02 9.53 -17.96
C LEU C 136 -7.21 10.77 -17.07
N LEU C 137 -8.13 11.66 -17.43
CA LEU C 137 -8.40 12.89 -16.64
C LEU C 137 -8.95 12.49 -15.25
N ASN C 138 -9.84 11.49 -15.19
CA ASN C 138 -10.49 11.02 -13.93
C ASN C 138 -9.75 9.79 -13.37
N ASN C 139 -8.84 9.22 -14.15
CA ASN C 139 -8.10 8.00 -13.74
C ASN C 139 -6.64 8.16 -14.17
N PRO C 140 -5.97 9.26 -13.75
CA PRO C 140 -4.60 9.54 -14.21
C PRO C 140 -3.62 8.43 -13.82
N ASP C 141 -3.83 7.75 -12.70
CA ASP C 141 -2.88 6.70 -12.26
C ASP C 141 -2.93 5.47 -13.19
N LEU C 142 -3.86 5.39 -14.14
CA LEU C 142 -3.83 4.31 -15.18
C LEU C 142 -2.51 4.38 -15.95
N VAL C 143 -1.91 5.55 -16.03
CA VAL C 143 -0.63 5.76 -16.76
C VAL C 143 0.49 5.03 -16.02
N ALA C 144 0.33 4.77 -14.71
CA ALA C 144 1.34 4.05 -13.89
C ALA C 144 0.88 2.63 -13.54
N THR C 145 -0.34 2.20 -13.91
CA THR C 145 -0.88 0.87 -13.50
C THR C 145 -1.25 -0.01 -14.70
N ASP C 146 -1.37 0.55 -15.90
CA ASP C 146 -1.65 -0.22 -17.15
C ASP C 146 -0.53 0.02 -18.16
N PRO C 147 0.28 -1.01 -18.48
CA PRO C 147 1.50 -0.80 -19.25
C PRO C 147 1.25 -0.32 -20.68
N VAL C 148 0.21 -0.85 -21.34
CA VAL C 148 -0.09 -0.42 -22.73
C VAL C 148 -0.50 1.06 -22.69
N ILE C 149 -1.39 1.46 -21.77
CA ILE C 149 -1.76 2.90 -21.62
C ILE C 149 -0.49 3.72 -21.33
N SER C 150 0.41 3.21 -20.48
CA SER C 150 1.65 3.90 -20.07
C SER C 150 2.45 4.26 -21.32
N PHE C 151 2.75 3.26 -22.14
CA PHE C 151 3.48 3.45 -23.42
C PHE C 151 2.70 4.37 -24.35
N LYS C 152 1.38 4.19 -24.45
CA LYS C 152 0.58 5.02 -25.38
C LYS C 152 0.70 6.50 -25.01
N THR C 153 0.78 6.84 -23.71
CA THR C 153 0.90 8.26 -23.29
C THR C 153 2.22 8.85 -23.79
N ALA C 154 3.30 8.05 -23.70
CA ALA C 154 4.66 8.46 -24.15
C ALA C 154 4.69 8.58 -25.69
N LEU C 155 4.10 7.61 -26.39
CA LEU C 155 4.04 7.61 -27.88
C LEU C 155 3.13 8.76 -28.32
N TRP C 156 1.98 8.92 -27.67
CA TRP C 156 1.10 10.09 -27.93
C TRP C 156 1.95 11.37 -27.85
N PHE C 157 2.73 11.55 -26.78
CA PHE C 157 3.53 12.78 -26.58
C PHE C 157 4.50 12.94 -27.74
N TRP C 158 5.18 11.84 -28.07
CA TRP C 158 6.22 11.78 -29.13
C TRP C 158 5.60 12.17 -30.48
N MET C 159 4.36 11.76 -30.73
CA MET C 159 3.76 11.79 -32.10
C MET C 159 2.91 13.05 -32.29
N THR C 160 2.73 13.87 -31.26
CA THR C 160 1.72 14.96 -31.26
C THR C 160 2.40 16.31 -31.29
N PRO C 161 2.29 17.08 -32.40
CA PRO C 161 2.71 18.49 -32.41
C PRO C 161 1.94 19.34 -31.38
N GLN C 162 2.62 20.31 -30.77
CA GLN C 162 2.03 21.29 -29.83
C GLN C 162 2.60 22.67 -30.22
N SER C 163 2.14 23.19 -31.37
CA SER C 163 2.61 24.45 -32.00
C SER C 163 2.89 25.51 -30.93
N PRO C 164 4.00 26.28 -30.99
CA PRO C 164 5.00 26.19 -32.05
C PRO C 164 5.87 24.93 -32.16
N LYS C 165 5.77 24.01 -31.19
CA LYS C 165 6.64 22.80 -31.11
C LYS C 165 6.20 21.78 -32.15
N PRO C 166 7.11 21.31 -33.05
CA PRO C 166 6.84 20.18 -33.92
C PRO C 166 6.73 18.91 -33.06
N SER C 167 6.25 17.80 -33.61
CA SER C 167 6.34 16.48 -32.95
C SER C 167 7.80 16.02 -32.96
N CYS C 168 8.23 15.36 -31.87
CA CYS C 168 9.56 14.70 -31.81
C CYS C 168 9.71 13.78 -33.02
N HIS C 169 8.64 13.08 -33.38
CA HIS C 169 8.55 12.21 -34.58
C HIS C 169 9.02 12.94 -35.84
N ASN C 170 8.39 14.06 -36.16
CA ASN C 170 8.68 14.82 -37.39
C ASN C 170 10.13 15.30 -37.33
N VAL C 171 10.62 15.64 -36.14
CA VAL C 171 12.05 16.09 -35.99
C VAL C 171 12.98 14.91 -36.34
N ILE C 172 12.89 13.80 -35.63
CA ILE C 172 13.90 12.69 -35.71
C ILE C 172 13.82 12.01 -37.08
N THR C 173 12.68 12.09 -37.77
CA THR C 173 12.47 11.45 -39.09
C THR C 173 12.88 12.41 -40.23
N GLY C 174 13.16 13.67 -39.91
CA GLY C 174 13.58 14.70 -40.89
C GLY C 174 12.39 15.30 -41.64
N ILE C 175 11.16 14.92 -41.29
CA ILE C 175 9.92 15.51 -41.88
C ILE C 175 9.84 16.99 -41.49
N TRP C 176 10.22 17.34 -40.26
CA TRP C 176 10.32 18.73 -39.79
C TRP C 176 11.44 19.44 -40.54
N LYS C 177 11.12 20.56 -41.20
CA LYS C 177 12.15 21.46 -41.78
C LYS C 177 12.10 22.77 -41.01
N PRO C 178 13.25 23.21 -40.43
CA PRO C 178 13.28 24.44 -39.65
C PRO C 178 12.87 25.65 -40.49
N SER C 179 12.05 26.53 -39.89
CA SER C 179 11.64 27.84 -40.46
C SER C 179 12.81 28.82 -40.42
N ALA C 180 12.70 29.95 -41.14
CA ALA C 180 13.66 31.08 -41.09
C ALA C 180 13.90 31.45 -39.62
N ALA C 181 12.80 31.55 -38.84
CA ALA C 181 12.80 31.88 -37.40
C ALA C 181 13.62 30.82 -36.63
N ASP C 182 13.39 29.52 -36.90
CA ASP C 182 14.11 28.42 -36.22
C ASP C 182 15.61 28.53 -36.54
N GLN C 183 15.95 28.76 -37.81
CA GLN C 183 17.32 28.92 -38.32
C GLN C 183 18.02 30.03 -37.51
N SER C 184 17.39 31.20 -37.45
CA SER C 184 17.88 32.39 -36.70
C SER C 184 18.07 32.04 -35.22
N ALA C 185 17.15 31.22 -34.67
CA ALA C 185 17.11 30.79 -33.25
C ALA C 185 18.07 29.61 -33.00
N GLY C 186 18.75 29.09 -34.03
CA GLY C 186 19.74 28.01 -33.90
C GLY C 186 19.08 26.66 -33.69
N ARG C 187 17.79 26.54 -34.00
CA ARG C 187 17.01 25.29 -33.84
C ARG C 187 17.18 24.45 -35.12
N VAL C 188 17.89 23.32 -34.99
CA VAL C 188 18.41 22.52 -36.14
C VAL C 188 17.97 21.06 -35.93
N ALA C 189 17.75 20.33 -37.02
CA ALA C 189 17.15 18.99 -36.99
C ALA C 189 18.14 18.01 -36.38
N GLY C 190 17.63 17.05 -35.60
CA GLY C 190 18.42 16.00 -34.92
C GLY C 190 17.91 15.74 -33.51
N TYR C 191 18.66 14.96 -32.73
CA TYR C 191 18.24 14.53 -31.38
C TYR C 191 18.05 15.73 -30.45
N GLY C 192 18.94 16.73 -30.53
CA GLY C 192 18.87 17.97 -29.75
C GLY C 192 17.50 18.62 -29.79
N ALA C 193 16.89 18.70 -30.97
CA ALA C 193 15.59 19.39 -31.15
C ALA C 193 14.48 18.60 -30.44
N THR C 194 14.65 17.27 -30.25
CA THR C 194 13.69 16.45 -29.46
C THR C 194 13.81 16.83 -27.97
N THR C 195 15.02 17.08 -27.47
CA THR C 195 15.24 17.59 -26.09
C THR C 195 14.53 18.93 -25.97
N ASN C 196 14.66 19.77 -26.99
CA ASN C 196 14.02 21.10 -27.05
C ASN C 196 12.51 20.97 -26.93
N ILE C 197 11.89 20.09 -27.70
CA ILE C 197 10.41 19.85 -27.62
C ILE C 197 10.06 19.40 -26.19
N ILE C 198 10.87 18.51 -25.61
CA ILE C 198 10.52 17.81 -24.34
C ILE C 198 10.68 18.75 -23.16
N ASN C 199 11.81 19.43 -23.01
CA ASN C 199 12.11 20.28 -21.82
C ASN C 199 13.04 21.43 -22.19
N GLY C 200 12.90 21.98 -23.41
CA GLY C 200 13.79 23.04 -23.91
C GLY C 200 13.87 24.24 -22.97
N GLY C 201 12.74 24.65 -22.41
CA GLY C 201 12.67 25.83 -21.51
C GLY C 201 13.75 25.76 -20.45
N LEU C 202 13.96 24.58 -19.83
CA LEU C 202 14.86 24.44 -18.67
C LEU C 202 16.23 23.86 -19.07
N GLU C 203 16.37 23.30 -20.27
CA GLU C 203 17.57 22.48 -20.62
C GLU C 203 18.31 23.01 -21.85
N CYS C 204 17.67 23.82 -22.70
CA CYS C 204 18.24 24.19 -24.03
C CYS C 204 18.60 25.68 -24.09
N GLY C 205 19.63 25.98 -24.89
CA GLY C 205 20.07 27.36 -25.17
C GLY C 205 20.75 28.00 -23.97
N GLN C 206 21.24 27.20 -23.01
CA GLN C 206 21.86 27.70 -21.76
C GLN C 206 23.18 26.97 -21.50
N GLY C 207 23.80 26.41 -22.54
CA GLY C 207 25.09 25.70 -22.42
C GLY C 207 24.92 24.35 -21.72
N TRP C 208 26.04 23.77 -21.27
CA TRP C 208 26.12 22.36 -20.80
C TRP C 208 25.14 22.11 -19.65
N LYS C 209 24.44 20.97 -19.70
CA LYS C 209 23.52 20.49 -18.65
C LYS C 209 23.72 18.98 -18.49
N ALA C 210 23.90 18.50 -17.25
CA ALA C 210 24.03 17.07 -16.88
C ALA C 210 22.80 16.30 -17.37
N GLN C 211 21.59 16.85 -17.24
CA GLN C 211 20.33 16.21 -17.73
C GLN C 211 20.42 16.00 -19.24
N VAL C 212 20.97 16.96 -20.00
CA VAL C 212 21.01 16.82 -21.48
C VAL C 212 22.05 15.75 -21.82
N GLU C 213 23.17 15.70 -21.10
CA GLU C 213 24.24 14.71 -21.35
C GLU C 213 23.67 13.31 -21.08
N ASP C 214 22.80 13.19 -20.07
CA ASP C 214 22.14 11.90 -19.71
C ASP C 214 21.22 11.46 -20.85
N ARG C 215 20.44 12.39 -21.41
CA ARG C 215 19.57 12.13 -22.58
C ARG C 215 20.42 11.59 -23.74
N ILE C 216 21.57 12.21 -23.98
CA ILE C 216 22.47 11.82 -25.10
C ILE C 216 23.12 10.46 -24.83
N GLY C 217 23.52 10.18 -23.59
CA GLY C 217 24.15 8.89 -23.26
C GLY C 217 23.22 7.71 -23.54
N PHE C 218 21.96 7.81 -23.15
CA PHE C 218 20.99 6.75 -23.46
C PHE C 218 20.86 6.60 -24.97
N TYR C 219 20.69 7.72 -25.69
CA TYR C 219 20.46 7.70 -27.15
C TYR C 219 21.65 7.03 -27.85
N LYS C 220 22.87 7.42 -27.47
CA LYS C 220 24.08 6.86 -28.11
C LYS C 220 24.17 5.35 -27.84
N ARG C 221 23.92 4.91 -26.60
CA ARG C 221 24.01 3.47 -26.26
C ARG C 221 22.99 2.70 -27.10
N TYR C 222 21.76 3.22 -27.26
CA TYR C 222 20.72 2.48 -28.00
C TYR C 222 21.06 2.45 -29.49
N CYS C 223 21.57 3.55 -30.03
CA CYS C 223 22.06 3.64 -31.43
C CYS C 223 23.17 2.58 -31.62
N ASP C 224 24.09 2.49 -30.66
CA ASP C 224 25.23 1.53 -30.72
C ASP C 224 24.67 0.12 -30.82
N ILE C 225 23.67 -0.24 -29.99
CA ILE C 225 23.06 -1.60 -30.00
C ILE C 225 22.38 -1.85 -31.36
N PHE C 226 21.68 -0.87 -31.92
CA PHE C 226 21.07 -0.92 -33.29
C PHE C 226 22.13 -0.89 -34.40
N LYS C 227 23.38 -0.53 -34.09
CA LYS C 227 24.46 -0.35 -35.10
C LYS C 227 24.02 0.70 -36.12
N VAL C 228 23.59 1.86 -35.65
CA VAL C 228 23.30 3.04 -36.52
C VAL C 228 24.07 4.23 -35.98
N GLY C 229 24.40 5.19 -36.84
CA GLY C 229 24.97 6.48 -36.45
C GLY C 229 23.95 7.31 -35.68
N TYR C 230 24.43 8.30 -34.95
CA TYR C 230 23.63 9.15 -34.03
C TYR C 230 22.88 10.22 -34.85
N GLY C 231 23.34 10.48 -36.08
CA GLY C 231 22.97 11.69 -36.83
C GLY C 231 23.68 12.89 -36.23
N ASN C 232 23.30 14.11 -36.60
CA ASN C 232 23.99 15.35 -36.17
C ASN C 232 23.17 16.08 -35.10
N ASN C 233 23.77 17.09 -34.48
CA ASN C 233 23.08 18.07 -33.60
C ASN C 233 22.43 17.31 -32.44
N LEU C 234 23.24 16.57 -31.66
CA LEU C 234 22.74 15.70 -30.56
C LEU C 234 22.33 16.55 -29.35
N ASP C 235 23.00 17.67 -29.11
CA ASP C 235 22.68 18.52 -27.94
C ASP C 235 21.81 19.71 -28.40
N CYS C 236 21.29 20.46 -27.44
CA CYS C 236 20.45 21.67 -27.69
C CYS C 236 21.01 22.86 -26.90
N TYR C 237 22.26 22.77 -26.42
CA TYR C 237 22.90 23.83 -25.62
C TYR C 237 22.86 25.18 -26.35
N ASN C 238 22.83 25.17 -27.69
CA ASN C 238 22.93 26.40 -28.52
C ASN C 238 21.62 26.64 -29.28
N GLN C 239 20.53 25.94 -28.91
CA GLN C 239 19.20 26.15 -29.54
C GLN C 239 18.33 26.95 -28.58
N ARG C 240 17.67 28.01 -29.06
CA ARG C 240 16.64 28.73 -28.31
C ARG C 240 15.46 27.79 -28.09
N PRO C 241 14.87 27.73 -26.86
CA PRO C 241 13.65 26.96 -26.64
C PRO C 241 12.57 27.30 -27.66
N PHE C 242 11.81 26.30 -28.12
CA PHE C 242 10.54 26.48 -28.86
C PHE C 242 9.55 27.21 -27.94
N ASP D 1 -25.82 14.55 22.66
CA ASP D 1 -24.72 14.24 21.69
C ASP D 1 -23.48 13.75 22.46
N ILE D 2 -22.90 12.64 22.01
CA ILE D 2 -21.84 11.88 22.73
C ILE D 2 -20.46 12.52 22.50
N SER D 3 -20.36 13.48 21.59
CA SER D 3 -19.08 14.17 21.25
C SER D 3 -18.49 14.82 22.50
N LYS D 4 -19.33 15.18 23.48
CA LYS D 4 -18.91 15.78 24.79
C LYS D 4 -18.28 14.70 25.68
N LEU D 5 -18.85 13.49 25.64
CA LEU D 5 -18.42 12.31 26.43
C LEU D 5 -17.10 11.75 25.88
N ILE D 6 -16.98 11.63 24.56
CA ILE D 6 -15.76 11.07 23.90
C ILE D 6 -15.21 12.10 22.91
N SER D 7 -14.12 12.76 23.26
CA SER D 7 -13.44 13.77 22.40
C SER D 7 -12.72 13.06 21.25
N ARG D 8 -12.39 13.81 20.20
CA ARG D 8 -11.55 13.33 19.08
C ARG D 8 -10.27 12.70 19.66
N GLY D 9 -9.65 13.37 20.63
CA GLY D 9 -8.39 12.98 21.28
C GLY D 9 -8.53 11.65 21.99
N THR D 10 -9.64 11.44 22.70
CA THR D 10 -9.91 10.17 23.42
C THR D 10 -10.11 9.04 22.41
N PHE D 11 -10.92 9.28 21.38
CA PHE D 11 -11.23 8.32 20.29
C PHE D 11 -9.92 7.86 19.64
N ASP D 12 -9.05 8.82 19.28
CA ASP D 12 -7.80 8.51 18.55
C ASP D 12 -6.83 7.79 19.49
N GLN D 13 -6.83 8.12 20.78
CA GLN D 13 -5.97 7.43 21.77
C GLN D 13 -6.45 5.97 21.87
N MET D 14 -7.76 5.78 21.96
CA MET D 14 -8.31 4.40 22.02
C MET D 14 -7.90 3.66 20.76
N LEU D 15 -8.08 4.26 19.59
CA LEU D 15 -7.84 3.58 18.30
C LEU D 15 -6.52 4.09 17.70
N LYS D 16 -5.43 4.01 18.47
CA LYS D 16 -4.18 4.74 18.14
C LYS D 16 -3.38 4.01 17.05
N HIS D 17 -3.70 2.75 16.72
CA HIS D 17 -2.92 2.00 15.70
C HIS D 17 -3.75 1.76 14.43
N ARG D 18 -5.00 2.20 14.36
CA ARG D 18 -5.91 1.87 13.24
C ARG D 18 -5.33 2.37 11.91
N ASN D 19 -4.51 3.42 11.91
CA ASN D 19 -4.01 4.02 10.66
C ASN D 19 -2.58 3.58 10.36
N ASP D 20 -2.05 2.61 11.10
CA ASP D 20 -0.69 2.07 10.82
C ASP D 20 -0.64 1.40 9.45
N GLY D 21 0.55 1.35 8.87
CA GLY D 21 0.76 0.82 7.52
C GLY D 21 0.11 -0.54 7.33
N ALA D 22 0.19 -1.45 8.31
CA ALA D 22 -0.24 -2.86 8.13
C ALA D 22 -1.77 -3.00 8.27
N CYS D 23 -2.47 -1.94 8.64
CA CYS D 23 -3.96 -1.97 8.81
C CYS D 23 -4.64 -1.65 7.48
N PRO D 24 -5.36 -2.62 6.89
CA PRO D 24 -6.07 -2.39 5.62
C PRO D 24 -7.10 -1.25 5.69
N ALA D 25 -7.60 -0.94 6.88
CA ALA D 25 -8.60 0.14 7.09
C ALA D 25 -7.93 1.52 7.25
N LYS D 26 -6.61 1.64 7.10
CA LYS D 26 -5.90 2.90 7.41
C LYS D 26 -6.54 4.07 6.65
N GLY D 27 -6.85 5.13 7.39
CA GLY D 27 -7.37 6.42 6.87
C GLY D 27 -8.88 6.43 6.74
N PHE D 28 -9.54 5.28 6.89
CA PHE D 28 -10.99 5.14 6.60
C PHE D 28 -11.88 5.49 7.80
N TYR D 29 -11.65 4.89 8.95
CA TYR D 29 -12.54 5.11 10.12
C TYR D 29 -12.23 6.47 10.77
N THR D 30 -13.19 7.38 10.81
CA THR D 30 -12.97 8.75 11.33
C THR D 30 -13.84 9.00 12.56
N TYR D 31 -13.33 9.81 13.48
CA TYR D 31 -14.06 10.40 14.63
C TYR D 31 -15.36 11.05 14.12
N ASP D 32 -15.26 11.90 13.10
CA ASP D 32 -16.43 12.64 12.54
C ASP D 32 -17.52 11.67 12.09
N ALA D 33 -17.17 10.54 11.46
CA ALA D 33 -18.11 9.53 10.95
C ALA D 33 -18.78 8.81 12.13
N PHE D 34 -18.03 8.55 13.18
CA PHE D 34 -18.53 7.87 14.40
C PHE D 34 -19.63 8.75 15.02
N ILE D 35 -19.30 10.02 15.25
CA ILE D 35 -20.17 11.04 15.92
C ILE D 35 -21.44 11.24 15.08
N ALA D 36 -21.30 11.32 13.76
CA ALA D 36 -22.43 11.48 12.81
C ALA D 36 -23.35 10.25 12.87
N ALA D 37 -22.79 9.04 12.82
CA ALA D 37 -23.57 7.77 12.85
C ALA D 37 -24.33 7.69 14.18
N ALA D 38 -23.69 8.08 15.28
CA ALA D 38 -24.25 8.02 16.65
C ALA D 38 -25.53 8.87 16.72
N LYS D 39 -25.63 9.93 15.91
CA LYS D 39 -26.81 10.83 15.94
C LYS D 39 -28.05 10.10 15.42
N ALA D 40 -27.89 9.05 14.60
CA ALA D 40 -29.00 8.30 13.96
C ALA D 40 -29.57 7.24 14.90
N PHE D 41 -28.95 7.08 16.07
CA PHE D 41 -29.31 6.04 17.07
C PHE D 41 -29.46 6.71 18.42
N PRO D 42 -30.56 7.44 18.64
CA PRO D 42 -30.76 8.16 19.89
C PRO D 42 -30.93 7.06 20.96
N GLY D 43 -30.39 7.37 22.12
CA GLY D 43 -30.23 6.41 23.21
C GLY D 43 -28.79 5.96 23.29
N PHE D 44 -28.07 5.82 22.17
CA PHE D 44 -26.68 5.30 22.19
C PHE D 44 -25.80 6.30 22.91
N GLY D 45 -25.19 5.91 24.04
CA GLY D 45 -24.29 6.74 24.84
C GLY D 45 -25.00 7.90 25.52
N THR D 46 -26.33 7.87 25.56
CA THR D 46 -27.18 8.89 26.22
C THR D 46 -28.21 8.22 27.13
N THR D 47 -28.04 6.93 27.42
CA THR D 47 -28.97 6.13 28.27
C THR D 47 -28.28 5.77 29.58
N GLY D 48 -28.81 6.24 30.72
CA GLY D 48 -28.32 5.91 32.07
C GLY D 48 -27.44 7.00 32.63
N ASP D 49 -26.76 6.72 33.74
CA ASP D 49 -25.87 7.71 34.42
C ASP D 49 -24.62 7.89 33.55
N ASP D 50 -23.73 8.79 33.95
CA ASP D 50 -22.50 9.16 33.21
C ASP D 50 -21.65 7.91 32.99
N ALA D 51 -21.33 7.20 34.07
CA ALA D 51 -20.47 6.00 34.04
C ALA D 51 -21.08 4.95 33.09
N THR D 52 -22.41 4.82 33.04
CA THR D 52 -23.11 3.80 32.21
C THR D 52 -22.99 4.21 30.73
N ARG D 53 -23.09 5.53 30.46
CA ARG D 53 -22.98 6.07 29.08
C ARG D 53 -21.57 5.77 28.57
N LYS D 54 -20.57 5.96 29.44
CA LYS D 54 -19.16 5.73 29.07
C LYS D 54 -18.92 4.23 28.92
N ARG D 55 -19.50 3.38 29.78
CA ARG D 55 -19.40 1.91 29.59
C ARG D 55 -20.06 1.51 28.27
N GLU D 56 -21.19 2.10 27.88
CA GLU D 56 -21.84 1.71 26.60
C GLU D 56 -20.86 2.03 25.46
N ILE D 57 -20.27 3.22 25.47
CA ILE D 57 -19.37 3.65 24.37
C ILE D 57 -18.15 2.73 24.41
N ALA D 58 -17.64 2.42 25.61
CA ALA D 58 -16.47 1.52 25.76
C ALA D 58 -16.84 0.11 25.28
N ALA D 59 -18.00 -0.40 25.68
CA ALA D 59 -18.46 -1.74 25.28
C ALA D 59 -18.60 -1.82 23.76
N PHE D 60 -19.23 -0.81 23.14
CA PHE D 60 -19.43 -0.79 21.66
C PHE D 60 -18.06 -0.79 20.97
N LEU D 61 -17.21 0.14 21.38
CA LEU D 61 -15.86 0.29 20.75
C LEU D 61 -15.06 -0.97 21.06
N GLY D 62 -15.24 -1.57 22.24
CA GLY D 62 -14.48 -2.79 22.58
C GLY D 62 -14.87 -3.98 21.73
N GLN D 63 -16.17 -4.22 21.55
CA GLN D 63 -16.65 -5.40 20.80
C GLN D 63 -16.27 -5.23 19.32
N THR D 64 -16.48 -4.03 18.78
CA THR D 64 -16.17 -3.73 17.37
C THR D 64 -14.64 -3.74 17.18
N SER D 65 -13.88 -3.30 18.18
CA SER D 65 -12.39 -3.42 18.14
C SER D 65 -11.98 -4.88 17.98
N HIS D 66 -12.58 -5.81 18.75
CA HIS D 66 -12.29 -7.25 18.61
C HIS D 66 -12.60 -7.74 17.19
N GLU D 67 -13.77 -7.39 16.64
CA GLU D 67 -14.22 -7.86 15.31
C GLU D 67 -13.23 -7.39 14.24
N THR D 68 -12.48 -6.31 14.49
CA THR D 68 -11.60 -5.68 13.48
C THR D 68 -10.14 -5.63 13.95
N THR D 69 -9.76 -6.40 14.96
CA THR D 69 -8.45 -6.21 15.61
C THR D 69 -7.30 -6.64 14.70
N GLY D 70 -6.20 -5.90 14.73
CA GLY D 70 -4.91 -6.33 14.16
C GLY D 70 -3.91 -6.64 15.26
N GLY D 71 -4.38 -6.77 16.49
CA GLY D 71 -3.50 -6.97 17.65
C GLY D 71 -2.78 -8.31 17.62
N TRP D 72 -1.62 -8.35 18.28
CA TRP D 72 -0.87 -9.57 18.63
C TRP D 72 -0.24 -9.31 19.99
N ALA D 73 0.20 -10.36 20.67
CA ALA D 73 0.60 -10.29 22.09
C ALA D 73 1.76 -9.29 22.26
N SER D 74 2.65 -9.17 21.29
CA SER D 74 3.86 -8.31 21.39
C SER D 74 3.61 -6.97 20.68
N ALA D 75 2.36 -6.64 20.32
CA ALA D 75 2.05 -5.39 19.61
C ALA D 75 2.47 -4.17 20.42
N PRO D 76 2.97 -3.12 19.74
CA PRO D 76 3.19 -1.83 20.40
C PRO D 76 1.95 -1.34 21.13
N ASP D 77 2.11 -0.87 22.37
CA ASP D 77 1.01 -0.35 23.23
C ASP D 77 0.02 -1.48 23.59
N GLY D 78 0.40 -2.74 23.35
CA GLY D 78 -0.37 -3.93 23.71
C GLY D 78 -1.45 -4.26 22.69
N PRO D 79 -1.98 -5.50 22.73
CA PRO D 79 -2.94 -5.94 21.72
C PRO D 79 -4.28 -5.18 21.74
N TYR D 80 -4.59 -4.50 22.83
CA TYR D 80 -5.91 -3.81 23.01
C TYR D 80 -5.80 -2.36 22.57
N SER D 81 -4.81 -2.04 21.75
CA SER D 81 -4.64 -0.73 21.09
C SER D 81 -4.77 -0.85 19.58
N TRP D 82 -5.11 -2.05 19.07
CA TRP D 82 -5.08 -2.36 17.61
C TRP D 82 -6.48 -2.61 17.06
N GLY D 83 -7.51 -2.01 17.66
CA GLY D 83 -8.87 -2.10 17.12
C GLY D 83 -8.97 -1.34 15.81
N TYR D 84 -9.99 -1.67 15.01
CA TYR D 84 -10.38 -0.90 13.79
C TYR D 84 -9.24 -0.94 12.77
N CYS D 85 -8.46 -2.01 12.81
CA CYS D 85 -7.35 -2.24 11.86
C CYS D 85 -7.92 -2.75 10.54
N PHE D 86 -9.02 -3.51 10.58
CA PHE D 86 -9.59 -4.19 9.39
C PHE D 86 -10.94 -3.60 9.01
N LEU D 87 -11.25 -3.73 7.72
CA LEU D 87 -12.49 -3.22 7.07
C LEU D 87 -13.32 -4.40 6.59
N ARG D 88 -12.70 -5.37 5.91
CA ARG D 88 -13.39 -6.52 5.28
C ARG D 88 -12.86 -7.85 5.84
N GLU D 89 -13.75 -8.81 6.00
CA GLU D 89 -13.43 -10.20 6.42
C GLU D 89 -12.24 -10.71 5.59
N LYS D 90 -11.21 -11.21 6.27
CA LYS D 90 -10.02 -11.80 5.61
C LYS D 90 -10.39 -13.18 5.10
N ASN D 91 -10.10 -13.51 3.84
CA ASN D 91 -10.20 -14.92 3.38
C ASN D 91 -11.61 -15.46 3.63
N PRO D 92 -12.70 -14.76 3.23
CA PRO D 92 -14.04 -15.29 3.46
C PRO D 92 -14.21 -16.64 2.74
N SER D 93 -14.76 -17.64 3.43
CA SER D 93 -14.91 -19.04 2.93
C SER D 93 -16.30 -19.22 2.30
N SER D 94 -17.15 -18.20 2.41
CA SER D 94 -18.57 -18.25 1.97
C SER D 94 -19.00 -16.91 1.37
N SER D 95 -20.01 -16.91 0.51
CA SER D 95 -20.68 -15.69 0.00
C SER D 95 -21.65 -15.14 1.05
N TYR D 96 -22.02 -15.94 2.04
CA TYR D 96 -22.95 -15.54 3.14
C TYR D 96 -24.29 -15.10 2.52
N CYS D 97 -24.76 -15.86 1.55
CA CYS D 97 -26.09 -15.70 0.94
C CYS D 97 -27.00 -16.80 1.50
N SER D 98 -28.04 -16.41 2.24
CA SER D 98 -29.17 -17.28 2.60
C SER D 98 -30.36 -16.83 1.76
N PRO D 99 -30.64 -17.51 0.62
CA PRO D 99 -31.72 -17.10 -0.27
C PRO D 99 -33.04 -16.92 0.49
N SER D 100 -33.72 -15.78 0.29
CA SER D 100 -35.07 -15.52 0.86
C SER D 100 -35.86 -14.62 -0.08
N PRO D 101 -37.19 -14.86 -0.21
CA PRO D 101 -38.07 -13.95 -0.93
C PRO D 101 -37.96 -12.50 -0.43
N THR D 102 -37.70 -12.30 0.87
CA THR D 102 -37.61 -10.97 1.52
C THR D 102 -36.30 -10.27 1.17
N TYR D 103 -35.18 -11.00 1.19
CA TYR D 103 -33.81 -10.46 1.06
C TYR D 103 -33.10 -11.14 -0.09
N PRO D 104 -33.51 -10.87 -1.35
CA PRO D 104 -32.90 -11.52 -2.50
C PRO D 104 -31.40 -11.15 -2.54
N CYS D 105 -30.55 -12.16 -2.74
CA CYS D 105 -29.07 -11.99 -2.85
C CYS D 105 -28.76 -11.31 -4.18
N ALA D 106 -27.96 -10.24 -4.15
CA ALA D 106 -27.63 -9.42 -5.33
C ALA D 106 -26.57 -10.14 -6.17
N ALA D 107 -26.75 -10.15 -7.50
CA ALA D 107 -25.87 -10.84 -8.46
C ALA D 107 -24.42 -10.39 -8.28
N GLY D 108 -23.52 -11.36 -8.08
CA GLY D 108 -22.06 -11.16 -8.00
C GLY D 108 -21.61 -10.63 -6.65
N LYS D 109 -22.53 -10.32 -5.74
CA LYS D 109 -22.23 -9.67 -4.43
C LYS D 109 -22.01 -10.72 -3.36
N GLN D 110 -21.17 -10.39 -2.37
CA GLN D 110 -20.85 -11.31 -1.25
C GLN D 110 -21.12 -10.54 0.04
N TYR D 111 -21.75 -11.18 1.02
CA TYR D 111 -22.17 -10.55 2.29
C TYR D 111 -21.21 -11.00 3.40
N TYR D 112 -19.92 -11.05 3.08
CA TYR D 112 -18.86 -11.34 4.08
C TYR D 112 -18.79 -10.15 5.05
N GLY D 113 -18.05 -10.34 6.15
CA GLY D 113 -17.96 -9.32 7.20
C GLY D 113 -17.47 -7.98 6.65
N ARG D 114 -18.13 -6.89 7.01
CA ARG D 114 -17.69 -5.53 6.69
C ARG D 114 -17.96 -4.56 7.85
N GLY D 115 -17.05 -3.63 8.06
CA GLY D 115 -17.18 -2.50 8.99
C GLY D 115 -16.94 -2.94 10.43
N PRO D 116 -17.22 -2.05 11.40
CA PRO D 116 -16.88 -2.30 12.81
C PRO D 116 -17.49 -3.56 13.44
N ILE D 117 -18.70 -3.98 13.08
CA ILE D 117 -19.31 -5.22 13.64
C ILE D 117 -19.11 -6.42 12.71
N GLN D 118 -18.41 -6.26 11.57
CA GLN D 118 -18.24 -7.33 10.57
C GLN D 118 -19.62 -7.90 10.23
N LEU D 119 -20.52 -6.98 9.87
CA LEU D 119 -21.89 -7.31 9.39
C LEU D 119 -21.80 -8.39 8.30
N SER D 120 -22.57 -9.45 8.43
CA SER D 120 -22.51 -10.64 7.56
C SER D 120 -23.94 -11.06 7.24
N TRP D 121 -24.13 -11.63 6.04
CA TRP D 121 -25.35 -12.32 5.54
C TRP D 121 -26.30 -11.33 4.85
N ASN D 122 -26.83 -11.73 3.69
CA ASN D 122 -27.78 -10.90 2.91
C ASN D 122 -28.92 -10.40 3.82
N TYR D 123 -29.43 -11.24 4.71
CA TYR D 123 -30.61 -10.91 5.56
C TYR D 123 -30.25 -9.78 6.55
N ASN D 124 -29.00 -9.73 7.04
CA ASN D 124 -28.58 -8.65 7.96
C ASN D 124 -28.31 -7.37 7.17
N TYR D 125 -27.68 -7.45 5.99
CA TYR D 125 -27.48 -6.28 5.10
C TYR D 125 -28.86 -5.73 4.70
N GLY D 126 -29.78 -6.65 4.43
CA GLY D 126 -31.18 -6.34 4.04
C GLY D 126 -31.91 -5.62 5.16
N GLN D 127 -31.97 -6.24 6.34
CA GLN D 127 -32.71 -5.68 7.50
C GLN D 127 -32.04 -4.38 7.94
N CYS D 128 -30.71 -4.34 8.01
CA CYS D 128 -29.95 -3.12 8.41
C CYS D 128 -30.21 -1.97 7.42
N GLY D 129 -30.07 -2.23 6.12
CA GLY D 129 -30.20 -1.20 5.07
C GLY D 129 -31.52 -0.47 5.20
N LYS D 130 -32.59 -1.25 5.37
CA LYS D 130 -33.97 -0.74 5.54
C LYS D 130 -34.05 0.24 6.72
N ALA D 131 -33.40 -0.09 7.85
CA ALA D 131 -33.46 0.73 9.07
C ALA D 131 -32.76 2.08 8.87
N ILE D 132 -31.66 2.11 8.09
CA ILE D 132 -30.77 3.32 8.00
C ILE D 132 -31.02 4.09 6.70
N GLY D 133 -31.88 3.59 5.81
CA GLY D 133 -32.31 4.29 4.59
C GLY D 133 -31.23 4.21 3.52
N VAL D 134 -30.59 3.05 3.42
CA VAL D 134 -29.52 2.72 2.44
C VAL D 134 -29.82 1.34 1.86
N ASP D 135 -29.68 1.18 0.55
CA ASP D 135 -29.87 -0.13 -0.12
C ASP D 135 -28.58 -0.95 0.02
N LEU D 136 -28.34 -1.52 1.20
CA LEU D 136 -27.10 -2.31 1.46
C LEU D 136 -27.22 -3.71 0.85
N LEU D 137 -28.44 -4.22 0.68
CA LEU D 137 -28.70 -5.53 0.02
C LEU D 137 -28.05 -5.52 -1.39
N ASN D 138 -28.22 -4.43 -2.14
CA ASN D 138 -27.71 -4.32 -3.53
C ASN D 138 -26.34 -3.66 -3.58
N ASN D 139 -25.95 -2.93 -2.53
CA ASN D 139 -24.66 -2.20 -2.50
C ASN D 139 -23.96 -2.53 -1.18
N PRO D 140 -23.70 -3.81 -0.87
CA PRO D 140 -23.15 -4.20 0.44
C PRO D 140 -21.80 -3.54 0.74
N ASP D 141 -20.98 -3.36 -0.30
CA ASP D 141 -19.62 -2.82 -0.10
C ASP D 141 -19.68 -1.36 0.37
N LEU D 142 -20.85 -0.70 0.41
CA LEU D 142 -20.99 0.66 0.99
C LEU D 142 -20.57 0.64 2.48
N VAL D 143 -20.73 -0.52 3.11
CA VAL D 143 -20.36 -0.73 4.54
C VAL D 143 -18.84 -0.60 4.66
N ALA D 144 -18.09 -0.83 3.58
CA ALA D 144 -16.61 -0.74 3.58
C ALA D 144 -16.10 0.51 2.82
N THR D 145 -16.97 1.30 2.15
CA THR D 145 -16.54 2.49 1.35
C THR D 145 -17.11 3.82 1.88
N ASP D 146 -18.19 3.85 2.68
CA ASP D 146 -18.60 5.11 3.36
C ASP D 146 -18.47 4.91 4.87
N PRO D 147 -17.67 5.75 5.56
CA PRO D 147 -17.42 5.60 7.00
C PRO D 147 -18.67 5.78 7.86
N VAL D 148 -19.54 6.73 7.49
CA VAL D 148 -20.79 7.00 8.27
C VAL D 148 -21.67 5.75 8.19
N ILE D 149 -21.93 5.23 6.99
CA ILE D 149 -22.72 3.99 6.78
C ILE D 149 -22.06 2.85 7.55
N SER D 150 -20.73 2.74 7.47
CA SER D 150 -19.93 1.73 8.19
C SER D 150 -20.33 1.72 9.67
N PHE D 151 -20.17 2.86 10.34
CA PHE D 151 -20.46 3.01 11.78
C PHE D 151 -21.95 2.76 12.05
N LYS D 152 -22.82 3.23 11.16
CA LYS D 152 -24.29 3.05 11.33
C LYS D 152 -24.65 1.56 11.35
N THR D 153 -23.99 0.71 10.56
CA THR D 153 -24.27 -0.75 10.52
C THR D 153 -23.95 -1.35 11.89
N ALA D 154 -22.85 -0.91 12.50
CA ALA D 154 -22.37 -1.44 13.80
C ALA D 154 -23.36 -1.03 14.89
N LEU D 155 -23.76 0.23 14.88
CA LEU D 155 -24.70 0.80 15.89
C LEU D 155 -26.09 0.18 15.66
N TRP D 156 -26.49 -0.04 14.41
CA TRP D 156 -27.76 -0.77 14.13
C TRP D 156 -27.73 -2.15 14.83
N PHE D 157 -26.65 -2.91 14.65
CA PHE D 157 -26.51 -4.23 15.30
C PHE D 157 -26.60 -4.07 16.82
N TRP D 158 -25.92 -3.05 17.37
CA TRP D 158 -25.81 -2.77 18.82
C TRP D 158 -27.20 -2.50 19.41
N MET D 159 -28.03 -1.76 18.69
CA MET D 159 -29.29 -1.20 19.23
C MET D 159 -30.48 -2.14 18.97
N THR D 160 -30.34 -3.16 18.13
CA THR D 160 -31.49 -3.95 17.59
C THR D 160 -31.62 -5.30 18.31
N PRO D 161 -32.72 -5.53 19.07
CA PRO D 161 -32.99 -6.86 19.60
C PRO D 161 -33.28 -7.86 18.48
N GLN D 162 -32.84 -9.10 18.66
CA GLN D 162 -33.18 -10.25 17.77
C GLN D 162 -33.60 -11.42 18.68
N SER D 163 -34.85 -11.38 19.17
CA SER D 163 -35.39 -12.32 20.19
C SER D 163 -35.01 -13.75 19.85
N PRO D 164 -34.53 -14.58 20.80
CA PRO D 164 -34.48 -14.23 22.22
C PRO D 164 -33.30 -13.36 22.68
N LYS D 165 -32.39 -12.99 21.77
CA LYS D 165 -31.25 -12.10 22.11
C LYS D 165 -31.79 -10.69 22.36
N PRO D 166 -31.56 -10.10 23.55
CA PRO D 166 -31.83 -8.67 23.73
C PRO D 166 -30.80 -7.83 22.96
N SER D 167 -30.99 -6.52 22.86
CA SER D 167 -29.99 -5.62 22.24
C SER D 167 -28.79 -5.54 23.20
N CYS D 168 -27.58 -5.49 22.65
CA CYS D 168 -26.36 -5.15 23.44
C CYS D 168 -26.62 -3.86 24.22
N HIS D 169 -27.33 -2.90 23.62
CA HIS D 169 -27.71 -1.61 24.25
C HIS D 169 -28.47 -1.84 25.56
N ASN D 170 -29.51 -2.69 25.52
CA ASN D 170 -30.37 -2.91 26.71
C ASN D 170 -29.55 -3.65 27.77
N VAL D 171 -28.64 -4.55 27.38
CA VAL D 171 -27.76 -5.26 28.37
C VAL D 171 -26.84 -4.24 29.05
N ILE D 172 -26.03 -3.48 28.31
CA ILE D 172 -24.96 -2.65 28.94
C ILE D 172 -25.57 -1.49 29.74
N THR D 173 -26.80 -1.07 29.46
CA THR D 173 -27.43 0.08 30.16
C THR D 173 -28.28 -0.42 31.36
N GLY D 174 -28.47 -1.73 31.49
CA GLY D 174 -29.21 -2.34 32.62
C GLY D 174 -30.70 -2.36 32.38
N ILE D 175 -31.16 -1.96 31.19
CA ILE D 175 -32.61 -1.97 30.84
C ILE D 175 -33.08 -3.44 30.77
N TRP D 176 -32.23 -4.32 30.24
CA TRP D 176 -32.48 -5.78 30.19
C TRP D 176 -32.39 -6.37 31.59
N LYS D 177 -33.43 -7.07 32.01
CA LYS D 177 -33.47 -7.83 33.29
C LYS D 177 -33.53 -9.31 32.94
N PRO D 178 -32.50 -10.09 33.31
CA PRO D 178 -32.48 -11.54 33.10
C PRO D 178 -33.77 -12.21 33.60
N SER D 179 -34.31 -13.12 32.81
CA SER D 179 -35.45 -13.98 33.20
C SER D 179 -34.95 -15.03 34.22
N ALA D 180 -35.86 -15.82 34.78
CA ALA D 180 -35.51 -16.96 35.67
C ALA D 180 -34.61 -17.93 34.90
N ALA D 181 -35.00 -18.26 33.67
CA ALA D 181 -34.28 -19.16 32.73
C ALA D 181 -32.86 -18.63 32.52
N ASP D 182 -32.71 -17.34 32.19
CA ASP D 182 -31.39 -16.68 31.99
C ASP D 182 -30.53 -16.86 33.26
N GLN D 183 -31.07 -16.48 34.42
CA GLN D 183 -30.36 -16.55 35.73
C GLN D 183 -29.85 -17.98 35.94
N SER D 184 -30.67 -18.99 35.68
CA SER D 184 -30.32 -20.43 35.80
C SER D 184 -29.24 -20.82 34.78
N ALA D 185 -29.23 -20.18 33.62
CA ALA D 185 -28.24 -20.40 32.53
C ALA D 185 -26.97 -19.57 32.77
N GLY D 186 -26.95 -18.75 33.81
CA GLY D 186 -25.80 -17.91 34.17
C GLY D 186 -25.73 -16.66 33.31
N ARG D 187 -26.77 -16.40 32.51
CA ARG D 187 -26.86 -15.18 31.66
C ARG D 187 -27.29 -14.02 32.56
N VAL D 188 -26.35 -13.16 32.91
CA VAL D 188 -26.52 -12.03 33.87
C VAL D 188 -26.02 -10.74 33.19
N ALA D 189 -26.47 -9.61 33.70
CA ALA D 189 -26.29 -8.28 33.08
C ALA D 189 -24.82 -7.87 33.19
N GLY D 190 -24.26 -7.37 32.09
CA GLY D 190 -22.88 -6.84 32.06
C GLY D 190 -22.25 -7.14 30.72
N TYR D 191 -20.97 -6.86 30.58
CA TYR D 191 -20.27 -6.99 29.29
C TYR D 191 -20.36 -8.41 28.73
N GLY D 192 -20.23 -9.44 29.57
CA GLY D 192 -20.28 -10.85 29.14
C GLY D 192 -21.51 -11.14 28.28
N ALA D 193 -22.67 -10.60 28.67
CA ALA D 193 -23.94 -10.90 27.98
C ALA D 193 -23.91 -10.25 26.58
N THR D 194 -23.15 -9.16 26.39
CA THR D 194 -23.00 -8.54 25.03
C THR D 194 -22.20 -9.50 24.14
N THR D 195 -21.14 -10.12 24.67
CA THR D 195 -20.40 -11.16 23.92
C THR D 195 -21.37 -12.27 23.53
N ASN D 196 -22.27 -12.64 24.45
CA ASN D 196 -23.21 -13.77 24.27
C ASN D 196 -24.15 -13.41 23.11
N ILE D 197 -24.68 -12.20 23.12
CA ILE D 197 -25.54 -11.67 22.01
C ILE D 197 -24.74 -11.75 20.70
N ILE D 198 -23.49 -11.28 20.71
CA ILE D 198 -22.71 -11.07 19.46
C ILE D 198 -22.26 -12.40 18.85
N ASN D 199 -21.80 -13.38 19.65
CA ASN D 199 -21.26 -14.66 19.12
C ASN D 199 -21.30 -15.76 20.19
N GLY D 200 -22.33 -15.79 21.02
CA GLY D 200 -22.38 -16.71 22.19
C GLY D 200 -22.32 -18.18 21.79
N GLY D 201 -22.98 -18.57 20.70
CA GLY D 201 -22.96 -19.98 20.27
C GLY D 201 -21.55 -20.53 20.11
N LEU D 202 -20.61 -19.71 19.62
CA LEU D 202 -19.23 -20.16 19.32
C LEU D 202 -18.30 -19.82 20.47
N GLU D 203 -18.66 -18.88 21.34
CA GLU D 203 -17.70 -18.26 22.29
C GLU D 203 -18.09 -18.51 23.75
N CYS D 204 -19.37 -18.70 24.07
CA CYS D 204 -19.84 -18.64 25.48
C CYS D 204 -20.22 -20.02 26.02
N GLY D 205 -20.09 -20.18 27.34
CA GLY D 205 -20.55 -21.36 28.09
C GLY D 205 -19.69 -22.58 27.84
N GLN D 206 -18.43 -22.39 27.42
CA GLN D 206 -17.51 -23.48 27.01
C GLN D 206 -16.17 -23.34 27.78
N GLY D 207 -16.17 -22.57 28.88
CA GLY D 207 -14.95 -22.20 29.61
C GLY D 207 -14.13 -21.18 28.85
N TRP D 208 -12.84 -21.10 29.14
CA TRP D 208 -11.98 -20.01 28.63
C TRP D 208 -11.92 -20.05 27.10
N LYS D 209 -12.03 -18.87 26.49
CA LYS D 209 -11.88 -18.66 25.04
C LYS D 209 -11.03 -17.41 24.83
N ALA D 210 -9.98 -17.50 24.02
CA ALA D 210 -9.09 -16.37 23.69
C ALA D 210 -9.90 -15.20 23.14
N GLN D 211 -10.89 -15.47 22.29
CA GLN D 211 -11.66 -14.37 21.64
C GLN D 211 -12.42 -13.57 22.69
N VAL D 212 -12.97 -14.23 23.71
CA VAL D 212 -13.68 -13.53 24.80
C VAL D 212 -12.67 -12.67 25.59
N GLU D 213 -11.53 -13.25 25.95
CA GLU D 213 -10.50 -12.46 26.69
C GLU D 213 -10.13 -11.22 25.87
N ASP D 214 -10.03 -11.36 24.55
CA ASP D 214 -9.67 -10.20 23.68
C ASP D 214 -10.78 -9.14 23.74
N ARG D 215 -12.06 -9.56 23.68
CA ARG D 215 -13.19 -8.61 23.76
C ARG D 215 -13.10 -7.84 25.07
N ILE D 216 -12.81 -8.54 26.17
CA ILE D 216 -12.71 -7.92 27.51
C ILE D 216 -11.50 -6.98 27.58
N GLY D 217 -10.37 -7.35 26.96
CA GLY D 217 -9.16 -6.53 27.01
C GLY D 217 -9.41 -5.16 26.41
N PHE D 218 -10.10 -5.10 25.29
CA PHE D 218 -10.46 -3.83 24.63
C PHE D 218 -11.38 -3.03 25.57
N TYR D 219 -12.42 -3.69 26.08
CA TYR D 219 -13.45 -3.01 26.91
C TYR D 219 -12.77 -2.37 28.12
N LYS D 220 -11.90 -3.13 28.78
CA LYS D 220 -11.24 -2.65 30.02
C LYS D 220 -10.32 -1.46 29.70
N ARG D 221 -9.51 -1.55 28.64
CA ARG D 221 -8.62 -0.43 28.27
C ARG D 221 -9.48 0.82 28.01
N TYR D 222 -10.60 0.69 27.31
CA TYR D 222 -11.44 1.86 26.98
C TYR D 222 -12.07 2.43 28.27
N CYS D 223 -12.52 1.57 29.18
CA CYS D 223 -13.02 2.02 30.49
C CYS D 223 -11.90 2.75 31.24
N ASP D 224 -10.67 2.23 31.18
CA ASP D 224 -9.51 2.84 31.88
C ASP D 224 -9.29 4.25 31.33
N ILE D 225 -9.36 4.43 30.02
CA ILE D 225 -9.14 5.76 29.38
C ILE D 225 -10.28 6.70 29.77
N PHE D 226 -11.52 6.20 29.84
CA PHE D 226 -12.70 6.97 30.34
C PHE D 226 -12.67 7.18 31.87
N LYS D 227 -11.74 6.52 32.59
CA LYS D 227 -11.65 6.54 34.08
C LYS D 227 -13.02 6.14 34.67
N VAL D 228 -13.60 5.06 34.15
CA VAL D 228 -14.84 4.46 34.71
C VAL D 228 -14.59 2.97 35.02
N GLY D 229 -15.38 2.43 35.94
CA GLY D 229 -15.34 1.02 36.30
C GLY D 229 -15.97 0.17 35.22
N TYR D 230 -15.69 -1.13 35.26
CA TYR D 230 -16.06 -2.08 34.19
C TYR D 230 -17.50 -2.57 34.39
N GLY D 231 -18.03 -2.42 35.61
CA GLY D 231 -19.24 -3.17 35.99
C GLY D 231 -18.92 -4.63 36.23
N ASN D 232 -19.96 -5.45 36.33
CA ASN D 232 -19.84 -6.84 36.79
C ASN D 232 -19.97 -7.77 35.59
N ASN D 233 -19.59 -9.04 35.78
CA ASN D 233 -19.93 -10.15 34.86
C ASN D 233 -19.31 -9.85 33.48
N LEU D 234 -18.00 -9.70 33.40
CA LEU D 234 -17.33 -9.29 32.13
C LEU D 234 -17.21 -10.46 31.14
N ASP D 235 -17.13 -11.70 31.60
CA ASP D 235 -16.90 -12.86 30.71
C ASP D 235 -18.20 -13.63 30.56
N CYS D 236 -18.26 -14.51 29.57
CA CYS D 236 -19.43 -15.40 29.36
C CYS D 236 -18.98 -16.86 29.39
N TYR D 237 -17.83 -17.15 30.01
CA TYR D 237 -17.23 -18.50 30.06
C TYR D 237 -18.23 -19.51 30.63
N ASN D 238 -19.10 -19.08 31.55
CA ASN D 238 -20.07 -20.00 32.22
C ASN D 238 -21.52 -19.58 31.90
N GLN D 239 -21.74 -18.81 30.84
CA GLN D 239 -23.10 -18.44 30.36
C GLN D 239 -23.52 -19.40 29.24
N ARG D 240 -24.67 -20.06 29.37
CA ARG D 240 -25.24 -20.79 28.20
C ARG D 240 -25.53 -19.77 27.10
N PRO D 241 -25.22 -20.07 25.82
CA PRO D 241 -25.63 -19.20 24.73
C PRO D 241 -27.13 -18.87 24.75
N PHE D 242 -27.50 -17.62 24.46
CA PHE D 242 -28.89 -17.26 24.06
C PHE D 242 -29.26 -18.11 22.83
N GLY D 243 -30.54 -18.48 22.70
CA GLY D 243 -31.09 -19.04 21.45
C GLY D 243 -30.67 -18.25 20.21
N1 EPE E . 8.50 21.17 0.45
C2 EPE E . 9.56 20.54 -0.39
C3 EPE E . 8.97 19.67 -1.49
N4 EPE E . 8.12 18.57 -0.97
C5 EPE E . 7.10 19.20 -0.09
C6 EPE E . 7.74 20.04 1.01
C7 EPE E . 7.50 17.87 -2.10
C8 EPE E . 6.67 16.67 -1.68
O8 EPE E . 7.22 16.06 -0.50
C9 EPE E . 9.08 21.94 1.56
C10 EPE E . 10.06 23.06 1.15
S EPE E . 9.46 24.30 0.15
O1S EPE E . 10.55 25.35 0.17
O2S EPE E . 8.20 24.82 0.76
O3S EPE E . 9.20 23.80 -1.20
S SO4 F . 18.44 -0.25 12.68
O1 SO4 F . 19.24 0.93 12.85
O2 SO4 F . 17.07 0.11 12.38
O3 SO4 F . 18.99 -1.03 11.60
O4 SO4 F . 18.46 -1.00 13.90
S SO4 G . 21.17 -0.47 -5.29
O1 SO4 G . 20.98 0.11 -3.98
O2 SO4 G . 20.34 0.23 -6.23
O3 SO4 G . 22.56 -0.36 -5.68
O4 SO4 G . 20.78 -1.86 -5.26
S SO4 H . -0.43 24.01 1.21
O1 SO4 H . -0.20 25.32 1.76
O2 SO4 H . -1.82 23.92 0.81
O3 SO4 H . -0.14 23.02 2.21
O4 SO4 H . 0.42 23.80 0.07
S SO4 I . 8.22 8.85 26.47
O1 SO4 I . 8.43 9.99 27.32
O2 SO4 I . 7.18 9.14 25.53
O3 SO4 I . 9.43 8.52 25.78
O4 SO4 I . 7.83 7.73 27.29
CL CL J . -10.44 25.09 7.78
N1 EPE K . -10.13 -23.17 1.33
C2 EPE K . -9.66 -22.54 2.58
C3 EPE K . -10.24 -21.15 2.85
N4 EPE K . -10.09 -20.25 1.70
C5 EPE K . -10.59 -20.92 0.48
C6 EPE K . -9.85 -22.23 0.24
C7 EPE K . -10.89 -19.05 1.96
C8 EPE K . -10.60 -17.95 0.96
O8 EPE K . -9.20 -17.89 0.71
C9 EPE K . -9.48 -24.47 1.05
C10 EPE K . -9.55 -25.49 2.19
S EPE K . -11.12 -26.01 2.61
O1S EPE K . -11.87 -24.96 3.29
O2S EPE K . -11.81 -26.46 1.35
O3S EPE K . -10.89 -27.18 3.54
S SO4 L . 13.37 -11.99 -3.42
O1 SO4 L . 13.59 -10.67 -2.85
O2 SO4 L . 12.08 -11.98 -4.08
O3 SO4 L . 13.42 -12.97 -2.38
O4 SO4 L . 14.40 -12.27 -4.39
S SO4 M . 3.95 -4.60 11.62
O1 SO4 M . 2.81 -4.11 12.34
O2 SO4 M . 4.36 -3.64 10.63
O3 SO4 M . 5.03 -4.82 12.55
O4 SO4 M . 3.61 -5.84 10.97
S SO4 N . 20.06 -28.74 6.03
O1 SO4 N . 19.75 -27.35 5.80
O2 SO4 N . 19.75 -29.51 4.86
O3 SO4 N . 21.46 -28.86 6.32
O4 SO4 N . 19.30 -29.23 7.15
S SO4 O . -16.76 -24.18 -5.25
O1 SO4 O . -17.37 -23.08 -4.55
O2 SO4 O . -17.35 -24.30 -6.55
O3 SO4 O . -15.35 -23.95 -5.38
O4 SO4 O . -16.98 -25.40 -4.50
C1 MPD P . -0.29 -6.36 12.18
C2 MPD P . -1.24 -7.43 11.65
O2 MPD P . -1.92 -8.02 12.77
CM MPD P . -2.28 -6.82 10.73
C3 MPD P . -0.48 -8.62 11.05
C4 MPD P . 0.24 -8.31 9.78
O4 MPD P . 1.47 -9.04 9.72
C5 MPD P . -0.61 -8.58 8.60
CL CL Q . -19.84 -26.27 -16.02
N1 EPE R . 8.19 16.40 -19.39
C2 EPE R . 8.21 15.39 -18.32
C3 EPE R . 8.94 15.95 -17.11
N4 EPE R . 10.34 16.21 -17.44
C5 EPE R . 10.43 17.15 -18.58
C6 EPE R . 9.59 16.68 -19.77
C7 EPE R . 10.99 16.79 -16.24
C8 EPE R . 12.47 17.06 -16.46
O8 EPE R . 13.08 16.03 -17.25
C9 EPE R . 7.47 15.91 -20.59
C10 EPE R . 6.02 15.47 -20.37
S EPE R . 4.99 16.71 -19.89
O1S EPE R . 3.59 16.17 -20.01
O2S EPE R . 5.16 17.87 -20.81
O3S EPE R . 5.31 17.08 -18.51
S SO4 S . 25.53 -3.10 -24.02
O1 SO4 S . 25.60 -1.66 -23.90
O2 SO4 S . 25.76 -3.46 -25.40
O3 SO4 S . 26.54 -3.69 -23.18
O4 SO4 S . 24.24 -3.60 -23.62
S SO4 T . 8.39 -13.21 -29.01
O1 SO4 T . 9.62 -12.70 -28.48
O2 SO4 T . 7.65 -12.14 -29.64
O3 SO4 T . 7.60 -13.77 -27.94
O4 SO4 T . 8.68 -14.24 -29.98
C1 MPD U . 16.31 4.46 -4.57
C2 MPD U . 17.46 4.25 -5.52
O2 MPD U . 18.16 5.51 -5.60
CM MPD U . 18.43 3.22 -4.95
C3 MPD U . 16.85 3.81 -6.85
C4 MPD U . 17.57 3.84 -8.18
O4 MPD U . 18.53 4.86 -8.38
C5 MPD U . 18.06 2.49 -8.60
CL CL V . 11.78 32.36 -32.04
N1 EPE W . -20.77 -11.18 14.01
C2 EPE W . -19.67 -10.80 13.11
C3 EPE W . -18.71 -11.96 12.96
N4 EPE W . -18.03 -12.29 14.25
C5 EPE W . -19.13 -12.64 15.18
C6 EPE W . -20.14 -11.51 15.31
C7 EPE W . -17.12 -13.41 13.99
C8 EPE W . -16.47 -13.92 15.27
O8 EPE W . -16.17 -12.79 16.11
C9 EPE W . -21.68 -10.04 14.23
C10 EPE W . -22.33 -9.45 12.97
S EPE W . -23.29 -10.48 12.03
O1S EPE W . -23.94 -9.57 11.06
O2S EPE W . -24.29 -11.17 12.92
O3S EPE W . -22.49 -11.57 11.43
S SO4 X . -2.74 3.88 26.40
O1 SO4 X . -2.43 4.63 27.57
O2 SO4 X . -3.70 4.63 25.61
O3 SO4 X . -1.55 3.69 25.61
O4 SO4 X . -3.29 2.59 26.76
S SO4 Y . -25.81 -18.03 18.45
O1 SO4 Y . -24.99 -16.99 19.04
O2 SO4 Y . -26.80 -17.42 17.61
O3 SO4 Y . -26.45 -18.80 19.48
O4 SO4 Y . -24.98 -18.89 17.66
S SO4 Z . -17.62 4.03 38.23
O1 SO4 Z . -18.55 5.08 38.57
O2 SO4 Z . -17.10 4.28 36.92
O3 SO4 Z . -16.55 4.01 39.19
O4 SO4 Z . -18.32 2.77 38.24
CL CL AA . -31.10 -21.98 28.05
#